data_4LSS
#
_entry.id   4LSS
#
_cell.length_a   54.639
_cell.length_b   65.267
_cell.length_c   259.146
_cell.angle_alpha   90.00
_cell.angle_beta   90.00
_cell.angle_gamma   90.00
#
_symmetry.space_group_name_H-M   'P 21 21 21'
#
loop_
_entity.id
_entity.type
_entity.pdbx_description
1 polymer 'envelope glycoprotein GP120'
2 polymer 'HEAVY CHAIN OF ANTIBODY VRC01'
3 polymer 'LIGHT CHAIN OF ANTIBODY VRC01 with N72T mutation'
4 non-polymer 2-acetamido-2-deoxy-beta-D-glucopyranose
5 non-polymer '4-(2-HYDROXYETHYL)-1-PIPERAZINE ETHANESULFONIC ACID'
6 non-polymer 'ISOPROPYL ALCOHOL'
7 non-polymer 'SODIUM ION'
8 water water
#
loop_
_entity_poly.entity_id
_entity_poly.type
_entity_poly.pdbx_seq_one_letter_code
_entity_poly.pdbx_strand_id
1 'polypeptide(L)'
;VWKNAETTLFCASDAKAYKTEVHNVWATHACVPTDPNPQEIHLENVTEEFNVWKNNMVEQMHTDIISLWDQSLKPCVKLT
GGSAITQACPKVTFEPIPIHYCAPAGFAILKCKDEEFNGTGLCKNVSTVQCTHGIKPVVSTQLLLNGSLAEKEIRIKSEN
ISDNAKTIIVQLTKPVLINCARPSNGGSGSGGDIRQAYCVVNRTQWNDTLGQVAIQLRKHWNTTIIFNEPSGGDLEITTH
SFNCGGEFFYCNTSDLFNSTWNIEGTASINGTESNDNITLPCRIKQIINMWQRVGQAMYAPPIQGVIRCQSNITGILLTR
DGGNTGNNSRTNETFRPGGGDMRDNWRSELYKYKVVKIE
;
G
2 'polypeptide(L)'
;QVQLVQSGGQMKKPGESMRISCRASGYEFIDCTLNWIRLAPGKRPEWMGWLKPRGGAVNYARPLQGRVTMTRDVYSDTAF
LELRSLTVDDTAVYFCTRGKNCDYNWDFEHWGRGTPVIVSSPSTKGPSVFPLAPSSKSTSGGTAALGCLVKDYFPEPVTV
SWNSGALTSGVHTFPAVLQSSGLYSLSSVVTVPSSSLGTQTYICNVNHKPSNTKVDKKVEPKSC
;
H
3 'polypeptide(L)'
;EIVLTQSPGTLSLSPGETAIISCRTSQYGSLAWYQQRPGQAPRLVIYSGSTRAAGIPDRFSGSRWGPDYTLTISNLESGD
FGVYYCQQYEFFGQGTKVQVDIKRTVAAPSVFIFPPSDEQLKSGTASVVCLLNNFYPREAKVQWKVDNALQSGNSQESVT
EQDSKDSTYSLSSTLTLSKADYEKHKVYACEVTHQGLRSPVTKSFNRGEC
;
L
#
loop_
_chem_comp.id
_chem_comp.type
_chem_comp.name
_chem_comp.formula
EPE non-polymer '4-(2-HYDROXYETHYL)-1-PIPERAZINE ETHANESULFONIC ACID' 'C8 H18 N2 O4 S'
IPA non-polymer 'ISOPROPYL ALCOHOL' 'C3 H8 O'
NA non-polymer 'SODIUM ION' 'Na 1'
NAG D-saccharide, beta linking 2-acetamido-2-deoxy-beta-D-glucopyranose 'C8 H15 N O6'
#
# COMPACT_ATOMS: atom_id res chain seq x y z
N VAL A 1 -3.66 -44.26 -13.56
CA VAL A 1 -3.50 -42.81 -13.56
C VAL A 1 -4.60 -42.15 -12.74
N TRP A 2 -4.37 -40.91 -12.32
CA TRP A 2 -5.35 -40.16 -11.56
C TRP A 2 -5.47 -38.73 -12.06
N LYS A 3 -6.49 -38.04 -11.58
CA LYS A 3 -6.64 -36.61 -11.80
C LYS A 3 -6.86 -35.93 -10.46
N ASN A 4 -6.47 -34.66 -10.35
CA ASN A 4 -6.75 -33.90 -9.15
C ASN A 4 -8.24 -33.85 -8.90
N ALA A 5 -8.66 -34.35 -7.74
CA ALA A 5 -10.07 -34.42 -7.41
C ALA A 5 -10.36 -33.78 -6.06
N GLU A 6 -11.61 -33.39 -5.86
CA GLU A 6 -12.06 -32.85 -4.59
C GLU A 6 -13.18 -33.73 -4.06
N THR A 7 -12.96 -34.34 -2.90
CA THR A 7 -13.98 -35.16 -2.28
C THR A 7 -13.97 -34.98 -0.77
N THR A 8 -14.98 -35.54 -0.11
CA THR A 8 -15.07 -35.50 1.34
C THR A 8 -14.12 -36.52 1.94
N LEU A 9 -13.36 -36.09 2.94
CA LEU A 9 -12.49 -36.98 3.70
C LEU A 9 -13.21 -37.47 4.94
N PHE A 10 -12.65 -38.46 5.60
CA PHE A 10 -13.14 -38.84 6.91
C PHE A 10 -11.99 -38.75 7.91
N CYS A 11 -12.33 -38.58 9.18
CA CYS A 11 -11.33 -38.41 10.21
C CYS A 11 -11.20 -39.67 11.05
N ALA A 12 -9.98 -39.95 11.50
CA ALA A 12 -9.73 -41.08 12.37
C ALA A 12 -8.93 -40.57 13.54
N SER A 13 -9.14 -41.15 14.72
CA SER A 13 -8.38 -40.78 15.90
C SER A 13 -8.44 -41.91 16.93
N ASP A 14 -7.60 -41.81 17.97
CA ASP A 14 -7.50 -42.87 18.97
C ASP A 14 -8.19 -42.43 20.26
N ALA A 15 -9.34 -41.77 20.11
CA ALA A 15 -10.11 -41.24 21.23
C ALA A 15 -10.61 -42.37 22.13
N LYS A 16 -10.79 -42.07 23.41
CA LYS A 16 -11.32 -43.03 24.37
C LYS A 16 -12.78 -42.72 24.64
N ALA A 17 -13.62 -43.75 24.62
CA ALA A 17 -15.07 -43.57 24.73
C ALA A 17 -15.52 -43.32 26.17
N TYR A 18 -14.65 -43.63 27.13
CA TYR A 18 -14.98 -43.43 28.53
C TYR A 18 -14.58 -42.04 29.00
N LYS A 19 -13.70 -41.38 28.23
CA LYS A 19 -13.17 -40.08 28.61
C LYS A 19 -14.19 -38.95 28.39
N THR A 20 -14.21 -38.01 29.34
CA THR A 20 -15.18 -36.92 29.31
C THR A 20 -14.64 -35.65 28.64
N GLU A 21 -13.34 -35.65 28.35
CA GLU A 21 -12.69 -34.52 27.71
C GLU A 21 -13.29 -34.29 26.32
N VAL A 22 -13.54 -33.03 25.98
CA VAL A 22 -14.34 -32.67 24.79
C VAL A 22 -13.79 -33.16 23.45
N HIS A 23 -12.48 -33.08 23.24
CA HIS A 23 -11.89 -33.56 22.00
C HIS A 23 -12.12 -35.06 21.85
N ASN A 24 -12.00 -35.78 22.95
CA ASN A 24 -12.24 -37.22 22.94
C ASN A 24 -13.70 -37.51 22.65
N VAL A 25 -14.60 -36.79 23.31
CA VAL A 25 -16.02 -37.03 23.13
C VAL A 25 -16.42 -36.87 21.67
N TRP A 26 -15.94 -35.80 21.05
CA TRP A 26 -16.29 -35.47 19.68
C TRP A 26 -15.75 -36.50 18.70
N ALA A 27 -14.48 -36.86 18.87
CA ALA A 27 -13.83 -37.80 17.97
C ALA A 27 -14.44 -39.18 18.12
N THR A 28 -15.02 -39.45 19.29
CA THR A 28 -15.64 -40.74 19.51
C THR A 28 -16.87 -40.92 18.62
N HIS A 29 -17.54 -39.80 18.30
CA HIS A 29 -18.79 -39.87 17.55
C HIS A 29 -18.68 -39.32 16.12
N ALA A 30 -17.64 -38.56 15.85
CA ALA A 30 -17.49 -37.95 14.54
C ALA A 30 -16.34 -38.57 13.75
N CYS A 31 -15.54 -39.41 14.42
CA CYS A 31 -14.42 -40.08 13.77
C CYS A 31 -14.44 -41.59 13.99
N VAL A 32 -13.64 -42.28 13.20
CA VAL A 32 -13.49 -43.72 13.35
C VAL A 32 -12.18 -44.03 14.07
N PRO A 33 -12.05 -45.23 14.65
CA PRO A 33 -10.79 -45.64 15.27
C PRO A 33 -9.63 -45.52 14.29
N THR A 34 -8.42 -45.26 14.79
CA THR A 34 -7.26 -45.20 13.92
C THR A 34 -6.83 -46.61 13.53
N ASP A 35 -6.20 -46.71 12.36
CA ASP A 35 -5.53 -47.94 11.98
C ASP A 35 -4.14 -47.91 12.60
N PRO A 36 -3.82 -48.91 13.44
CA PRO A 36 -2.54 -48.88 14.15
C PRO A 36 -1.33 -48.98 13.22
N ASN A 37 -1.56 -49.42 11.99
CA ASN A 37 -0.47 -49.66 11.06
C ASN A 37 -0.67 -48.93 9.74
N PRO A 38 -0.61 -47.60 9.78
CA PRO A 38 -0.77 -46.75 8.60
C PRO A 38 0.11 -47.18 7.44
N GLN A 39 -0.48 -47.28 6.26
CA GLN A 39 0.24 -47.65 5.06
C GLN A 39 0.82 -46.42 4.37
N GLU A 40 2.04 -46.55 3.86
CA GLU A 40 2.65 -45.51 3.04
C GLU A 40 3.53 -46.13 1.96
N ILE A 41 3.15 -45.94 0.70
CA ILE A 41 3.91 -46.46 -0.41
C ILE A 41 4.57 -45.34 -1.21
N HIS A 42 5.86 -45.45 -1.46
CA HIS A 42 6.55 -44.50 -2.32
C HIS A 42 6.28 -44.84 -3.78
N LEU A 43 6.29 -43.83 -4.64
CA LEU A 43 5.99 -43.98 -6.05
C LEU A 43 7.17 -43.49 -6.87
N GLU A 44 7.64 -44.31 -7.81
CA GLU A 44 8.86 -44.00 -8.56
C GLU A 44 8.63 -43.12 -9.78
N ASN A 45 9.67 -42.39 -10.16
CA ASN A 45 9.65 -41.57 -11.38
C ASN A 45 8.39 -40.73 -11.53
N VAL A 46 7.70 -40.50 -10.42
CA VAL A 46 6.45 -39.76 -10.46
C VAL A 46 6.64 -38.35 -9.92
N THR A 47 5.89 -37.42 -10.48
CA THR A 47 5.93 -36.04 -10.05
C THR A 47 4.52 -35.46 -10.03
N GLU A 48 4.25 -34.58 -9.07
CA GLU A 48 2.91 -34.01 -8.90
C GLU A 48 2.94 -32.55 -8.48
N GLU A 49 1.89 -31.82 -8.87
CA GLU A 49 1.71 -30.43 -8.47
C GLU A 49 0.99 -30.31 -7.14
N PHE A 50 1.58 -29.57 -6.21
CA PHE A 50 0.97 -29.31 -4.92
C PHE A 50 0.75 -27.81 -4.71
N ASN A 51 -0.36 -27.47 -4.06
CA ASN A 51 -0.61 -26.08 -3.68
C ASN A 51 -1.55 -25.99 -2.48
N VAL A 52 -0.95 -25.90 -1.30
CA VAL A 52 -1.71 -25.89 -0.06
C VAL A 52 -2.73 -24.76 -0.03
N TRP A 53 -2.41 -23.63 -0.66
CA TRP A 53 -3.24 -22.44 -0.57
C TRP A 53 -4.50 -22.60 -1.42
N LYS A 54 -4.52 -23.63 -2.25
CA LYS A 54 -5.71 -23.98 -3.02
C LYS A 54 -6.14 -25.42 -2.70
N ASN A 55 -5.91 -25.84 -1.46
CA ASN A 55 -6.12 -27.23 -1.08
C ASN A 55 -7.36 -27.42 -0.21
N ASN A 56 -8.36 -28.07 -0.78
CA ASN A 56 -9.67 -28.19 -0.16
C ASN A 56 -9.64 -28.96 1.17
N MET A 57 -8.56 -29.67 1.45
CA MET A 57 -8.41 -30.34 2.75
C MET A 57 -8.41 -29.30 3.87
N VAL A 58 -7.78 -28.16 3.60
CA VAL A 58 -7.71 -27.10 4.60
C VAL A 58 -9.11 -26.63 4.96
N GLU A 59 -9.94 -26.36 3.97
CA GLU A 59 -11.30 -25.91 4.21
C GLU A 59 -12.09 -26.93 5.00
N GLN A 60 -11.82 -28.21 4.77
CA GLN A 60 -12.52 -29.29 5.44
C GLN A 60 -12.13 -29.40 6.91
N MET A 61 -10.85 -29.23 7.22
CA MET A 61 -10.38 -29.28 8.59
C MET A 61 -10.99 -28.11 9.37
N HIS A 62 -10.97 -26.94 8.74
CA HIS A 62 -11.54 -25.75 9.33
C HIS A 62 -13.00 -25.99 9.71
N THR A 63 -13.80 -26.55 8.80
CA THR A 63 -15.21 -26.76 9.12
C THR A 63 -15.43 -27.79 10.25
N ASP A 64 -14.60 -28.83 10.30
CA ASP A 64 -14.69 -29.81 11.36
C ASP A 64 -14.40 -29.19 12.71
N ILE A 65 -13.34 -28.40 12.77
CA ILE A 65 -12.88 -27.87 14.05
C ILE A 65 -13.76 -26.73 14.51
N ILE A 66 -14.46 -26.10 13.57
CA ILE A 66 -15.53 -25.20 13.97
C ILE A 66 -16.62 -26.06 14.60
N SER A 67 -16.84 -27.23 14.02
CA SER A 67 -17.87 -28.14 14.51
C SER A 67 -17.54 -28.69 15.90
N LEU A 68 -16.28 -28.99 16.13
CA LEU A 68 -15.84 -29.50 17.43
C LEU A 68 -16.06 -28.45 18.53
N TRP A 69 -15.58 -27.24 18.29
CA TRP A 69 -15.77 -26.15 19.23
C TRP A 69 -17.25 -25.83 19.50
N ASP A 70 -18.07 -25.83 18.45
CA ASP A 70 -19.48 -25.48 18.61
C ASP A 70 -20.20 -26.53 19.46
N GLN A 71 -19.77 -27.78 19.37
CA GLN A 71 -20.41 -28.86 20.10
C GLN A 71 -19.78 -29.13 21.47
N SER A 72 -18.68 -28.45 21.78
CA SER A 72 -17.90 -28.77 22.97
C SER A 72 -17.92 -27.69 24.05
N LEU A 73 -17.60 -26.46 23.67
CA LEU A 73 -17.53 -25.38 24.64
C LEU A 73 -18.92 -24.91 25.03
N LYS A 74 -19.05 -24.44 26.27
CA LYS A 74 -20.35 -24.13 26.85
C LYS A 74 -20.35 -22.76 27.53
N PRO A 75 -20.49 -21.70 26.74
CA PRO A 75 -20.54 -20.31 27.23
C PRO A 75 -21.84 -20.00 27.95
N CYS A 76 -21.75 -19.17 28.97
CA CYS A 76 -22.94 -18.79 29.73
C CYS A 76 -23.82 -17.91 28.87
N VAL A 77 -23.21 -17.11 28.02
CA VAL A 77 -23.96 -16.25 27.12
C VAL A 77 -23.31 -16.29 25.76
N LYS A 78 -24.13 -16.13 24.72
CA LYS A 78 -23.62 -16.18 23.36
C LYS A 78 -24.19 -15.00 22.58
N LEU A 79 -23.39 -13.94 22.46
CA LEU A 79 -23.84 -12.70 21.84
C LEU A 79 -23.55 -12.65 20.35
N THR A 80 -24.57 -12.29 19.58
CA THR A 80 -24.43 -12.15 18.14
C THR A 80 -25.40 -11.08 17.62
N GLY A 81 -24.89 -9.87 17.45
CA GLY A 81 -25.67 -8.76 16.93
C GLY A 81 -26.57 -8.14 17.96
N GLY A 82 -27.78 -8.69 18.07
CA GLY A 82 -28.73 -8.28 19.10
C GLY A 82 -29.35 -9.51 19.73
N SER A 83 -29.74 -9.38 21.00
CA SER A 83 -30.32 -10.50 21.76
C SER A 83 -29.41 -11.74 21.77
N ALA A 84 -28.98 -12.12 22.96
CA ALA A 84 -28.03 -13.20 23.12
C ALA A 84 -28.63 -14.37 23.90
N ILE A 85 -28.21 -15.58 23.54
CA ILE A 85 -28.69 -16.79 24.17
C ILE A 85 -27.94 -17.08 25.46
N THR A 86 -28.68 -17.46 26.51
CA THR A 86 -28.09 -17.90 27.76
C THR A 86 -28.24 -19.42 27.89
N GLN A 87 -27.28 -20.04 28.57
CA GLN A 87 -27.25 -21.49 28.69
C GLN A 87 -26.51 -21.86 29.97
N ALA A 88 -26.47 -23.15 30.29
CA ALA A 88 -25.73 -23.60 31.46
C ALA A 88 -24.22 -23.47 31.20
N CYS A 89 -23.47 -23.14 32.25
CA CYS A 89 -22.04 -22.84 32.11
C CYS A 89 -21.13 -23.89 32.73
N PRO A 90 -21.48 -25.18 32.59
CA PRO A 90 -20.60 -26.21 33.16
C PRO A 90 -19.15 -26.00 32.72
N LYS A 91 -18.21 -26.19 33.64
CA LYS A 91 -16.81 -26.15 33.27
C LYS A 91 -16.51 -27.35 32.39
N VAL A 92 -15.48 -27.25 31.57
CA VAL A 92 -15.19 -28.28 30.59
C VAL A 92 -13.75 -28.77 30.67
N THR A 93 -13.52 -30.01 30.24
CA THR A 93 -12.17 -30.57 30.15
C THR A 93 -11.66 -30.43 28.72
N PHE A 94 -10.52 -29.78 28.55
CA PHE A 94 -10.07 -29.37 27.22
C PHE A 94 -8.58 -29.64 27.02
N GLU A 95 -8.28 -30.60 26.16
CA GLU A 95 -6.91 -30.84 25.69
C GLU A 95 -6.97 -31.60 24.38
N PRO A 96 -6.54 -30.94 23.28
CA PRO A 96 -6.68 -31.52 21.94
C PRO A 96 -5.96 -32.86 21.81
N ILE A 97 -6.50 -33.72 20.96
CA ILE A 97 -5.86 -34.98 20.61
C ILE A 97 -5.67 -35.02 19.09
N PRO A 98 -4.72 -35.85 18.62
CA PRO A 98 -4.44 -35.94 17.18
C PRO A 98 -5.63 -36.45 16.38
N ILE A 99 -6.00 -35.69 15.35
CA ILE A 99 -6.92 -36.16 14.33
C ILE A 99 -6.11 -36.49 13.10
N HIS A 100 -6.46 -37.57 12.42
CA HIS A 100 -5.89 -37.89 11.12
C HIS A 100 -7.00 -37.70 10.10
N TYR A 101 -6.62 -37.30 8.89
CA TYR A 101 -7.58 -37.20 7.80
C TYR A 101 -7.31 -38.26 6.74
N CYS A 102 -8.37 -38.95 6.32
CA CYS A 102 -8.23 -40.15 5.54
C CYS A 102 -9.03 -40.06 4.26
N ALA A 103 -8.58 -40.78 3.24
CA ALA A 103 -9.26 -40.82 1.96
C ALA A 103 -10.22 -42.01 1.88
N PRO A 104 -11.45 -41.74 1.42
CA PRO A 104 -12.47 -42.79 1.31
C PRO A 104 -12.27 -43.67 0.07
N ALA A 105 -13.07 -44.72 -0.06
CA ALA A 105 -12.96 -45.61 -1.19
C ALA A 105 -12.96 -44.83 -2.50
N GLY A 106 -12.01 -45.14 -3.36
CA GLY A 106 -11.93 -44.51 -4.67
C GLY A 106 -10.83 -43.46 -4.76
N PHE A 107 -10.48 -42.87 -3.63
CA PHE A 107 -9.52 -41.78 -3.60
C PHE A 107 -8.23 -42.19 -2.91
N ALA A 108 -7.35 -41.22 -2.73
CA ALA A 108 -6.10 -41.44 -2.02
C ALA A 108 -5.49 -40.09 -1.66
N ILE A 109 -4.46 -40.14 -0.83
CA ILE A 109 -3.76 -38.94 -0.41
C ILE A 109 -2.32 -39.06 -0.84
N LEU A 110 -1.80 -38.02 -1.48
CA LEU A 110 -0.40 -38.00 -1.88
C LEU A 110 0.35 -37.11 -0.92
N LYS A 111 1.54 -37.55 -0.55
CA LYS A 111 2.37 -36.84 0.40
C LYS A 111 3.66 -36.41 -0.27
N CYS A 112 3.99 -35.13 -0.14
CA CYS A 112 5.22 -34.60 -0.71
C CYS A 112 6.37 -34.90 0.23
N LYS A 113 7.42 -35.51 -0.29
CA LYS A 113 8.57 -35.94 0.51
C LYS A 113 9.77 -35.03 0.32
N ASP A 114 9.78 -34.26 -0.76
CA ASP A 114 10.84 -33.28 -1.01
C ASP A 114 11.22 -32.55 0.26
N GLU A 115 12.50 -32.60 0.60
CA GLU A 115 13.00 -32.01 1.84
C GLU A 115 12.64 -30.53 1.93
N GLU A 116 12.78 -29.83 0.82
CA GLU A 116 12.69 -28.36 0.82
C GLU A 116 11.40 -27.85 0.20
N PHE A 117 10.28 -28.51 0.48
CA PHE A 117 9.00 -28.12 -0.12
C PHE A 117 8.42 -26.88 0.57
N ASN A 118 7.90 -25.95 -0.22
CA ASN A 118 7.45 -24.65 0.27
C ASN A 118 5.93 -24.56 0.44
N GLY A 119 5.22 -25.53 -0.11
CA GLY A 119 3.77 -25.51 -0.09
C GLY A 119 3.18 -25.41 -1.49
N THR A 120 3.99 -24.92 -2.44
CA THR A 120 3.54 -24.82 -3.82
C THR A 120 4.65 -25.25 -4.78
N GLY A 121 4.29 -26.05 -5.77
CA GLY A 121 5.23 -26.41 -6.81
C GLY A 121 5.24 -27.90 -7.10
N LEU A 122 6.24 -28.32 -7.87
CA LEU A 122 6.40 -29.72 -8.23
C LEU A 122 7.09 -30.50 -7.12
N CYS A 123 6.51 -31.63 -6.76
CA CYS A 123 7.19 -32.58 -5.89
C CYS A 123 7.72 -33.71 -6.74
N LYS A 124 8.98 -34.07 -6.51
CA LYS A 124 9.65 -35.09 -7.31
C LYS A 124 9.61 -36.41 -6.53
N ASN A 125 9.71 -36.27 -5.22
CA ASN A 125 9.64 -37.38 -4.31
C ASN A 125 8.25 -37.44 -3.69
N VAL A 126 7.43 -38.37 -4.15
CA VAL A 126 6.03 -38.43 -3.74
C VAL A 126 5.58 -39.84 -3.38
N SER A 127 5.05 -40.00 -2.17
CA SER A 127 4.51 -41.29 -1.75
C SER A 127 3.00 -41.18 -1.52
N THR A 128 2.33 -42.31 -1.29
CA THR A 128 0.88 -42.31 -1.14
C THR A 128 0.44 -42.96 0.18
N VAL A 129 -0.48 -42.28 0.86
CA VAL A 129 -0.95 -42.73 2.16
C VAL A 129 -2.47 -42.77 2.18
N GLN A 130 -3.04 -43.38 3.21
CA GLN A 130 -4.49 -43.43 3.34
C GLN A 130 -4.98 -42.46 4.40
N CYS A 131 -4.07 -41.99 5.25
CA CYS A 131 -4.40 -41.02 6.28
C CYS A 131 -3.21 -40.10 6.54
N THR A 132 -3.49 -38.81 6.72
CA THR A 132 -2.46 -37.87 7.14
C THR A 132 -1.89 -38.32 8.48
N HIS A 133 -0.81 -37.70 8.92
CA HIS A 133 -0.30 -37.93 10.26
C HIS A 133 -1.30 -37.36 11.26
N GLY A 134 -1.19 -37.76 12.52
CA GLY A 134 -2.03 -37.22 13.58
C GLY A 134 -1.78 -35.74 13.84
N ILE A 135 -2.82 -34.94 13.65
CA ILE A 135 -2.70 -33.50 13.82
C ILE A 135 -3.52 -33.04 15.01
N LYS A 136 -2.86 -32.39 15.96
CA LYS A 136 -3.55 -31.76 17.07
C LYS A 136 -4.15 -30.43 16.61
N PRO A 137 -5.49 -30.32 16.64
CA PRO A 137 -6.27 -29.18 16.17
C PRO A 137 -6.21 -27.99 17.13
N VAL A 138 -5.00 -27.50 17.36
CA VAL A 138 -4.75 -26.41 18.30
C VAL A 138 -5.10 -25.08 17.69
N VAL A 139 -6.03 -24.35 18.30
CA VAL A 139 -6.35 -23.01 17.83
C VAL A 139 -5.61 -22.00 18.68
N SER A 140 -4.74 -21.22 18.05
CA SER A 140 -3.97 -20.20 18.75
C SER A 140 -3.60 -19.06 17.81
N THR A 141 -3.09 -17.96 18.36
CA THR A 141 -2.60 -16.85 17.53
C THR A 141 -1.13 -16.54 17.78
N GLN A 142 -0.50 -15.98 16.76
CA GLN A 142 0.91 -15.57 16.79
C GLN A 142 1.87 -16.76 16.79
N LEU A 143 1.71 -17.67 17.74
CA LEU A 143 2.57 -18.83 17.82
C LEU A 143 1.80 -20.12 17.51
N LEU A 144 2.37 -20.93 16.63
CA LEU A 144 1.82 -22.25 16.36
C LEU A 144 2.36 -23.19 17.41
N LEU A 145 1.49 -24.05 17.93
CA LEU A 145 1.83 -24.90 19.08
C LEU A 145 1.60 -26.39 18.84
N ASN A 146 2.45 -27.21 19.46
CA ASN A 146 2.32 -28.66 19.43
C ASN A 146 2.22 -29.22 18.01
N GLY A 147 2.76 -28.47 17.06
CA GLY A 147 2.73 -28.86 15.67
C GLY A 147 3.97 -29.63 15.27
N SER A 148 4.17 -29.77 13.96
CA SER A 148 5.32 -30.51 13.44
C SER A 148 6.49 -29.59 13.14
N LEU A 149 7.69 -30.16 13.08
CA LEU A 149 8.91 -29.39 12.93
C LEU A 149 9.58 -29.60 11.58
N ALA A 150 10.22 -28.55 11.08
CA ALA A 150 11.04 -28.65 9.88
C ALA A 150 12.21 -29.59 10.15
N GLU A 151 12.61 -30.35 9.14
CA GLU A 151 13.56 -31.42 9.36
C GLU A 151 14.98 -30.92 9.64
N LYS A 152 15.50 -30.03 8.79
CA LYS A 152 16.90 -29.60 8.92
C LYS A 152 17.07 -28.13 9.31
N GLU A 153 16.29 -27.24 8.71
CA GLU A 153 16.38 -25.82 9.07
C GLU A 153 15.01 -25.16 9.02
N ILE A 154 14.90 -24.04 9.70
CA ILE A 154 13.66 -23.28 9.75
C ILE A 154 13.15 -23.05 8.33
N ARG A 155 11.85 -23.22 8.13
CA ARG A 155 11.26 -23.04 6.81
C ARG A 155 10.27 -21.88 6.80
N ILE A 156 10.33 -21.08 5.74
CA ILE A 156 9.41 -19.97 5.54
C ILE A 156 8.42 -20.34 4.43
N LYS A 157 7.13 -20.14 4.69
CA LYS A 157 6.11 -20.43 3.69
C LYS A 157 5.14 -19.27 3.51
N SER A 158 4.72 -19.04 2.27
CA SER A 158 3.74 -18.01 1.98
C SER A 158 3.04 -18.30 0.66
N GLU A 159 1.77 -17.93 0.56
CA GLU A 159 1.07 -18.05 -0.71
C GLU A 159 1.79 -17.19 -1.72
N ASN A 160 2.31 -16.05 -1.26
CA ASN A 160 3.16 -15.18 -2.08
C ASN A 160 3.98 -14.27 -1.19
N ILE A 161 5.24 -14.63 -1.03
CA ILE A 161 6.12 -14.00 -0.06
C ILE A 161 6.30 -12.50 -0.33
N SER A 162 6.15 -12.09 -1.59
CA SER A 162 6.28 -10.69 -1.95
C SER A 162 5.01 -9.87 -1.65
N ASP A 163 3.91 -10.57 -1.40
CA ASP A 163 2.62 -9.94 -1.16
C ASP A 163 2.46 -9.67 0.34
N ASN A 164 2.52 -8.41 0.73
CA ASN A 164 2.53 -8.08 2.15
C ASN A 164 1.19 -8.38 2.84
N ALA A 165 0.18 -8.77 2.05
CA ALA A 165 -1.13 -9.11 2.60
C ALA A 165 -1.29 -10.62 2.75
N LYS A 166 -0.22 -11.36 2.49
CA LYS A 166 -0.23 -12.80 2.66
C LYS A 166 0.53 -13.14 3.91
N THR A 167 -0.14 -13.86 4.81
CA THR A 167 0.48 -14.29 6.05
C THR A 167 1.74 -15.11 5.76
N ILE A 168 2.78 -14.89 6.55
CA ILE A 168 3.99 -15.68 6.44
C ILE A 168 3.97 -16.75 7.53
N ILE A 169 4.06 -18.01 7.11
CA ILE A 169 4.11 -19.11 8.06
C ILE A 169 5.56 -19.54 8.27
N VAL A 170 5.99 -19.47 9.52
CA VAL A 170 7.34 -19.91 9.88
C VAL A 170 7.24 -21.27 10.54
N GLN A 171 8.13 -22.18 10.18
CA GLN A 171 8.17 -23.48 10.84
C GLN A 171 9.55 -23.71 11.44
N LEU A 172 9.59 -23.99 12.74
CA LEU A 172 10.85 -24.18 13.45
C LEU A 172 11.37 -25.58 13.21
N THR A 173 12.67 -25.77 13.42
CA THR A 173 13.26 -27.09 13.35
C THR A 173 13.47 -27.61 14.76
N LYS A 174 13.78 -26.71 15.68
CA LYS A 174 13.91 -27.06 17.08
C LYS A 174 12.82 -26.35 17.88
N PRO A 175 12.02 -27.12 18.64
CA PRO A 175 10.89 -26.47 19.32
C PRO A 175 11.37 -25.64 20.51
N VAL A 176 10.71 -24.52 20.75
CA VAL A 176 10.97 -23.73 21.94
C VAL A 176 9.84 -23.95 22.94
N LEU A 177 10.18 -24.47 24.10
CA LEU A 177 9.18 -24.80 25.11
C LEU A 177 8.64 -23.53 25.76
N ILE A 178 7.31 -23.41 25.80
CA ILE A 178 6.65 -22.31 26.49
C ILE A 178 5.79 -22.86 27.61
N ASN A 179 5.94 -22.31 28.81
CA ASN A 179 5.29 -22.86 29.98
C ASN A 179 4.36 -21.84 30.65
N CYS A 180 3.06 -22.11 30.60
CA CYS A 180 2.07 -21.18 31.12
C CYS A 180 1.29 -21.76 32.29
N ALA A 181 1.00 -20.93 33.27
CA ALA A 181 0.21 -21.36 34.40
C ALA A 181 -0.30 -20.17 35.19
N ARG A 182 -1.37 -20.41 35.94
CA ARG A 182 -1.85 -19.44 36.91
C ARG A 182 -1.70 -20.07 38.28
N PRO A 183 -0.80 -19.54 39.11
CA PRO A 183 -0.57 -20.10 40.44
C PRO A 183 -1.86 -20.19 41.27
N SER A 184 -1.84 -20.94 42.36
CA SER A 184 -3.04 -21.10 43.20
C SER A 184 -3.24 -19.90 44.13
N GLY A 192 -5.23 -12.86 45.82
CA GLY A 192 -4.54 -12.50 44.59
C GLY A 192 -5.43 -12.62 43.37
N ASP A 193 -5.27 -11.70 42.42
CA ASP A 193 -6.06 -11.65 41.19
C ASP A 193 -6.10 -13.02 40.51
N ILE A 194 -7.29 -13.60 40.43
CA ILE A 194 -7.44 -14.97 39.95
C ILE A 194 -7.41 -15.08 38.42
N ARG A 195 -7.12 -13.96 37.73
CA ARG A 195 -7.09 -13.96 36.28
C ARG A 195 -5.70 -13.70 35.71
N GLN A 196 -4.73 -13.35 36.56
CA GLN A 196 -3.39 -13.08 36.07
C GLN A 196 -2.56 -14.36 36.03
N ALA A 197 -2.06 -14.67 34.83
CA ALA A 197 -1.23 -15.84 34.63
C ALA A 197 0.09 -15.38 34.05
N TYR A 198 0.97 -16.32 33.80
CA TYR A 198 2.27 -15.99 33.23
C TYR A 198 2.74 -17.13 32.33
N CYS A 199 3.36 -16.77 31.21
CA CYS A 199 4.03 -17.74 30.36
C CYS A 199 5.52 -17.47 30.46
N VAL A 200 6.32 -18.52 30.40
CA VAL A 200 7.76 -18.33 30.53
C VAL A 200 8.51 -19.14 29.48
N VAL A 201 9.24 -18.43 28.62
CA VAL A 201 10.11 -19.08 27.65
C VAL A 201 11.58 -18.73 27.95
N ASN A 202 12.48 -19.66 27.64
CA ASN A 202 13.90 -19.46 27.86
C ASN A 202 14.44 -18.37 26.92
N ARG A 203 15.00 -17.32 27.50
CA ARG A 203 15.42 -16.14 26.72
C ARG A 203 16.48 -16.47 25.67
N THR A 204 17.56 -17.12 26.07
CA THR A 204 18.64 -17.43 25.14
C THR A 204 18.13 -18.30 24.01
N GLN A 205 17.32 -19.29 24.37
CA GLN A 205 16.76 -20.20 23.39
C GLN A 205 15.85 -19.45 22.41
N TRP A 206 15.10 -18.47 22.90
CA TRP A 206 14.18 -17.72 22.05
C TRP A 206 14.89 -16.69 21.17
N ASN A 207 15.85 -16.00 21.77
CA ASN A 207 16.67 -15.04 21.04
C ASN A 207 17.43 -15.73 19.92
N ASP A 208 18.02 -16.89 20.22
CA ASP A 208 18.70 -17.69 19.21
C ASP A 208 17.74 -18.02 18.07
N THR A 209 16.55 -18.47 18.41
CA THR A 209 15.54 -18.84 17.41
C THR A 209 15.23 -17.65 16.51
N LEU A 210 14.96 -16.50 17.13
CA LEU A 210 14.60 -15.33 16.35
C LEU A 210 15.71 -14.94 15.37
N GLY A 211 16.96 -15.18 15.76
CA GLY A 211 18.08 -14.87 14.89
C GLY A 211 18.15 -15.78 13.68
N GLN A 212 17.78 -17.05 13.85
CA GLN A 212 17.79 -18.02 12.77
C GLN A 212 16.58 -17.84 11.83
N VAL A 213 15.51 -17.24 12.35
CA VAL A 213 14.38 -16.84 11.51
C VAL A 213 14.80 -15.63 10.67
N ALA A 214 15.52 -14.70 11.28
CA ALA A 214 16.07 -13.57 10.54
C ALA A 214 16.88 -14.10 9.35
N ILE A 215 17.73 -15.08 9.60
CA ILE A 215 18.56 -15.64 8.53
C ILE A 215 17.68 -16.11 7.37
N GLN A 216 16.61 -16.82 7.67
CA GLN A 216 15.73 -17.33 6.62
C GLN A 216 14.97 -16.20 5.92
N LEU A 217 14.56 -15.18 6.67
CA LEU A 217 13.80 -14.08 6.07
C LEU A 217 14.66 -13.30 5.08
N ARG A 218 15.93 -13.10 5.41
CA ARG A 218 16.87 -12.68 4.38
C ARG A 218 16.83 -13.85 3.41
N LYS A 219 17.25 -13.64 2.17
CA LYS A 219 17.02 -14.59 1.08
C LYS A 219 15.84 -14.09 0.27
N HIS A 220 14.83 -13.64 0.98
CA HIS A 220 13.73 -12.92 0.36
C HIS A 220 14.01 -11.42 0.49
N TRP A 221 14.64 -11.02 1.59
CA TRP A 221 15.04 -9.62 1.78
C TRP A 221 16.40 -9.52 2.47
N ASN A 222 17.43 -9.24 1.68
CA ASN A 222 18.79 -9.16 2.19
C ASN A 222 19.02 -7.81 2.88
N THR A 223 18.45 -7.63 4.06
CA THR A 223 18.60 -6.38 4.82
C THR A 223 18.46 -6.61 6.31
N THR A 224 18.37 -5.51 7.05
CA THR A 224 18.19 -5.57 8.49
C THR A 224 16.75 -5.99 8.77
N ILE A 225 16.60 -7.09 9.51
CA ILE A 225 15.28 -7.66 9.82
C ILE A 225 14.82 -7.26 11.21
N ILE A 226 13.64 -6.65 11.29
CA ILE A 226 13.10 -6.18 12.55
C ILE A 226 11.83 -6.92 12.94
N PHE A 227 11.77 -7.37 14.18
CA PHE A 227 10.56 -7.95 14.74
C PHE A 227 9.94 -6.95 15.68
N ASN A 228 8.62 -6.84 15.66
CA ASN A 228 7.93 -5.77 16.36
C ASN A 228 6.52 -6.17 16.76
N GLU A 229 5.90 -5.42 17.67
CA GLU A 229 4.56 -5.73 18.15
C GLU A 229 3.51 -5.52 17.07
N PRO A 230 2.37 -6.20 17.18
CA PRO A 230 1.25 -5.99 16.25
C PRO A 230 0.74 -4.55 16.27
N SER A 231 0.32 -4.06 15.10
CA SER A 231 -0.06 -2.66 14.93
C SER A 231 -1.51 -2.37 15.31
N GLY A 232 -2.30 -3.41 15.54
CA GLY A 232 -3.70 -3.23 15.90
C GLY A 232 -4.47 -4.53 15.80
N GLY A 233 -5.77 -4.46 16.11
CA GLY A 233 -6.62 -5.63 16.00
C GLY A 233 -7.24 -6.05 17.33
N ASP A 234 -8.13 -7.04 17.25
CA ASP A 234 -8.74 -7.61 18.44
C ASP A 234 -7.64 -8.14 19.34
N LEU A 235 -7.97 -8.31 20.61
CA LEU A 235 -7.01 -8.77 21.59
C LEU A 235 -6.57 -10.21 21.29
N GLU A 236 -7.43 -10.96 20.62
CA GLU A 236 -7.09 -12.33 20.21
C GLU A 236 -5.91 -12.34 19.24
N ILE A 237 -5.78 -11.27 18.48
CA ILE A 237 -4.74 -11.13 17.47
C ILE A 237 -3.48 -10.50 18.02
N THR A 238 -3.65 -9.43 18.81
CA THR A 238 -2.51 -8.67 19.32
C THR A 238 -1.80 -9.39 20.46
N THR A 239 -2.45 -10.41 21.01
CA THR A 239 -1.79 -11.26 21.99
C THR A 239 -1.69 -12.68 21.47
N HIS A 240 -0.78 -13.46 22.05
CA HIS A 240 -0.75 -14.89 21.83
C HIS A 240 -1.93 -15.49 22.58
N SER A 241 -2.96 -15.89 21.85
CA SER A 241 -4.17 -16.39 22.49
C SER A 241 -4.35 -17.88 22.23
N PHE A 242 -4.76 -18.61 23.27
CA PHE A 242 -4.84 -20.05 23.21
C PHE A 242 -5.67 -20.55 24.39
N ASN A 243 -6.26 -21.74 24.25
CA ASN A 243 -7.08 -22.30 25.33
C ASN A 243 -6.32 -23.36 26.13
N CYS A 244 -6.13 -23.06 27.42
CA CYS A 244 -5.46 -23.99 28.33
C CYS A 244 -6.45 -24.58 29.31
N GLY A 245 -6.69 -25.89 29.18
CA GLY A 245 -7.54 -26.60 30.12
C GLY A 245 -8.90 -25.94 30.32
N GLY A 246 -9.49 -25.48 29.23
CA GLY A 246 -10.82 -24.90 29.28
C GLY A 246 -10.84 -23.39 29.44
N GLU A 247 -9.74 -22.83 29.94
CA GLU A 247 -9.64 -21.39 30.15
C GLU A 247 -8.92 -20.72 28.97
N PHE A 248 -9.38 -19.54 28.59
CA PHE A 248 -8.80 -18.81 27.47
C PHE A 248 -7.71 -17.85 27.93
N PHE A 249 -6.48 -18.11 27.50
CA PHE A 249 -5.33 -17.30 27.85
C PHE A 249 -5.03 -16.23 26.80
N TYR A 250 -4.73 -15.03 27.27
CA TYR A 250 -4.24 -13.96 26.41
C TYR A 250 -2.89 -13.49 26.96
N CYS A 251 -1.81 -13.78 26.26
CA CYS A 251 -0.47 -13.45 26.75
C CYS A 251 0.23 -12.39 25.91
N ASN A 252 0.72 -11.35 26.59
CA ASN A 252 1.43 -10.27 25.94
C ASN A 252 2.79 -10.76 25.45
N THR A 253 3.05 -10.62 24.15
CA THR A 253 4.27 -11.15 23.56
C THR A 253 5.28 -10.04 23.25
N SER A 254 5.09 -8.88 23.84
CA SER A 254 6.01 -7.76 23.60
C SER A 254 7.46 -8.18 23.73
N ASP A 255 7.77 -9.01 24.71
CA ASP A 255 9.17 -9.40 24.95
C ASP A 255 9.66 -10.48 23.99
N LEU A 256 8.75 -11.07 23.23
CA LEU A 256 9.14 -12.04 22.21
C LEU A 256 9.44 -11.36 20.87
N PHE A 257 8.74 -10.27 20.56
CA PHE A 257 8.86 -9.63 19.25
C PHE A 257 9.26 -8.16 19.35
N ASN A 258 10.52 -7.92 19.70
CA ASN A 258 11.01 -6.57 19.87
C ASN A 258 12.53 -6.60 19.77
N SER A 259 13.04 -6.69 18.55
CA SER A 259 14.46 -6.82 18.33
C SER A 259 14.83 -6.56 16.88
N THR A 260 16.10 -6.23 16.65
CA THR A 260 16.60 -5.86 15.34
C THR A 260 17.82 -6.71 14.98
N TRP A 261 17.87 -7.21 13.75
CA TRP A 261 18.97 -8.07 13.31
C TRP A 261 19.63 -7.58 12.02
N ASN A 262 20.96 -7.46 12.04
CA ASN A 262 21.70 -7.07 10.85
C ASN A 262 23.06 -7.75 10.76
N ASP A 276 18.37 -16.48 32.29
CA ASP A 276 17.19 -15.63 32.45
C ASP A 276 16.01 -16.17 31.66
N ASN A 277 14.82 -16.05 32.25
CA ASN A 277 13.58 -16.39 31.56
C ASN A 277 12.92 -15.15 31.02
N ILE A 278 12.34 -15.24 29.85
CA ILE A 278 11.38 -14.24 29.41
C ILE A 278 10.08 -14.60 30.13
N THR A 279 9.41 -13.61 30.71
CA THR A 279 8.17 -13.88 31.43
C THR A 279 7.01 -13.06 30.89
N LEU A 280 6.11 -13.72 30.17
CA LEU A 280 4.98 -13.04 29.55
C LEU A 280 3.76 -12.99 30.46
N PRO A 281 3.24 -11.77 30.71
CA PRO A 281 2.01 -11.59 31.48
C PRO A 281 0.79 -12.01 30.68
N CYS A 282 -0.10 -12.79 31.27
CA CYS A 282 -1.36 -13.12 30.62
C CYS A 282 -2.54 -12.82 31.51
N ARG A 283 -3.69 -12.57 30.88
CA ARG A 283 -4.95 -12.54 31.58
C ARG A 283 -5.80 -13.70 31.07
N ILE A 284 -6.59 -14.28 31.96
CA ILE A 284 -7.60 -15.24 31.55
C ILE A 284 -8.88 -14.46 31.41
N LYS A 285 -9.51 -14.56 30.24
CA LYS A 285 -10.70 -13.76 29.97
C LYS A 285 -11.94 -14.62 29.91
N GLN A 286 -13.03 -14.09 30.47
CA GLN A 286 -14.33 -14.74 30.44
C GLN A 286 -15.09 -14.31 29.19
N ILE A 287 -14.71 -13.17 28.63
CA ILE A 287 -15.41 -12.68 27.43
C ILE A 287 -14.46 -12.68 26.25
N ILE A 288 -14.81 -13.47 25.23
CA ILE A 288 -13.93 -13.63 24.09
C ILE A 288 -14.66 -13.38 22.78
N ASN A 289 -13.90 -13.04 21.74
CA ASN A 289 -14.44 -13.02 20.40
C ASN A 289 -14.33 -14.41 19.80
N MET A 290 -15.40 -14.86 19.16
CA MET A 290 -15.39 -16.18 18.57
C MET A 290 -14.56 -16.14 17.30
N TRP A 291 -13.80 -17.20 17.10
CA TRP A 291 -13.02 -17.34 15.89
C TRP A 291 -13.85 -18.07 14.84
N GLN A 292 -14.73 -18.95 15.29
CA GLN A 292 -15.59 -19.70 14.38
C GLN A 292 -16.31 -18.74 13.45
N ARG A 293 -16.78 -17.64 14.02
CA ARG A 293 -17.65 -16.74 13.31
C ARG A 293 -17.77 -15.45 14.09
N VAL A 294 -18.38 -14.46 13.45
CA VAL A 294 -18.59 -13.16 14.08
C VAL A 294 -19.51 -13.29 15.28
N GLY A 295 -19.01 -12.92 16.46
CA GLY A 295 -19.79 -12.97 17.68
C GLY A 295 -18.87 -13.02 18.88
N GLN A 296 -19.45 -12.84 20.08
CA GLN A 296 -18.67 -13.01 21.29
C GLN A 296 -19.40 -13.94 22.25
N ALA A 297 -18.63 -14.60 23.10
CA ALA A 297 -19.19 -15.54 24.06
C ALA A 297 -18.69 -15.19 25.44
N MET A 298 -19.45 -15.55 26.47
CA MET A 298 -19.03 -15.32 27.85
C MET A 298 -18.95 -16.64 28.61
N TYR A 299 -17.91 -16.78 29.43
CA TYR A 299 -17.68 -18.01 30.16
C TYR A 299 -17.53 -17.74 31.65
N ALA A 300 -17.66 -18.79 32.44
CA ALA A 300 -17.57 -18.66 33.90
C ALA A 300 -16.17 -18.22 34.31
N PRO A 301 -16.02 -17.79 35.57
CA PRO A 301 -14.69 -17.44 36.06
C PRO A 301 -13.81 -18.69 36.17
N PRO A 302 -12.49 -18.50 36.29
CA PRO A 302 -11.51 -19.60 36.26
C PRO A 302 -11.74 -20.64 37.33
N ILE A 303 -11.64 -21.91 36.93
CA ILE A 303 -11.64 -23.00 37.88
C ILE A 303 -10.50 -22.72 38.84
N GLN A 304 -10.69 -23.02 40.13
CA GLN A 304 -9.63 -22.75 41.10
C GLN A 304 -8.60 -23.88 41.07
N GLY A 305 -7.53 -23.71 41.84
CA GLY A 305 -6.44 -24.65 41.80
C GLY A 305 -5.46 -24.30 40.71
N VAL A 306 -4.37 -25.06 40.61
CA VAL A 306 -3.31 -24.77 39.66
C VAL A 306 -3.75 -25.04 38.22
N ILE A 307 -3.78 -24.00 37.40
CA ILE A 307 -4.08 -24.14 35.99
C ILE A 307 -2.78 -24.02 35.19
N ARG A 308 -2.36 -25.14 34.60
CA ARG A 308 -1.11 -25.16 33.86
C ARG A 308 -1.24 -25.90 32.53
N CYS A 309 -0.38 -25.52 31.58
CA CYS A 309 -0.19 -26.29 30.36
C CYS A 309 1.02 -25.72 29.62
N GLN A 310 2.05 -26.54 29.44
CA GLN A 310 3.21 -26.11 28.68
C GLN A 310 3.23 -26.78 27.31
N SER A 311 3.72 -26.04 26.31
CA SER A 311 3.58 -26.44 24.93
C SER A 311 4.90 -26.27 24.18
N ASN A 312 5.06 -27.01 23.08
CA ASN A 312 6.14 -26.74 22.15
C ASN A 312 5.71 -25.67 21.14
N ILE A 313 6.46 -24.59 21.08
CA ILE A 313 6.29 -23.65 19.98
C ILE A 313 6.99 -24.28 18.78
N THR A 314 6.24 -24.50 17.71
CA THR A 314 6.79 -25.15 16.53
C THR A 314 6.72 -24.24 15.30
N GLY A 315 6.06 -23.10 15.45
CA GLY A 315 5.93 -22.18 14.34
C GLY A 315 5.49 -20.79 14.77
N ILE A 316 5.53 -19.85 13.83
CA ILE A 316 5.15 -18.48 14.07
C ILE A 316 4.41 -17.96 12.85
N LEU A 317 3.46 -17.06 13.05
CA LEU A 317 2.74 -16.44 11.94
C LEU A 317 3.10 -14.96 11.92
N LEU A 318 3.53 -14.45 10.77
CA LEU A 318 4.10 -13.12 10.67
C LEU A 318 3.46 -12.32 9.55
N THR A 319 3.47 -10.99 9.70
CA THR A 319 3.06 -10.10 8.62
C THR A 319 4.14 -9.04 8.43
N ARG A 320 4.56 -8.86 7.18
CA ARG A 320 5.54 -7.84 6.83
C ARG A 320 4.86 -6.49 6.57
N ASP A 321 5.54 -5.40 6.95
CA ASP A 321 5.00 -4.06 6.75
C ASP A 321 5.13 -3.59 5.32
N GLY A 322 4.07 -2.96 4.79
CA GLY A 322 4.11 -2.32 3.48
C GLY A 322 4.55 -0.86 3.54
N GLY A 323 4.77 -0.25 2.37
CA GLY A 323 5.26 1.12 2.30
C GLY A 323 6.77 1.10 2.14
N ASN A 324 7.37 2.24 1.81
CA ASN A 324 8.81 2.28 1.52
C ASN A 324 9.56 3.47 2.11
N THR A 325 8.92 4.21 3.01
CA THR A 325 9.54 5.39 3.64
C THR A 325 10.64 6.01 2.77
N ARG A 330 17.09 -1.57 2.46
CA ARG A 330 16.00 -0.73 1.99
C ARG A 330 15.89 0.62 2.70
N THR A 331 16.33 0.74 3.96
CA THR A 331 17.16 -0.25 4.67
C THR A 331 16.47 -1.54 5.13
N ASN A 332 15.63 -1.45 6.14
CA ASN A 332 15.14 -2.62 6.88
C ASN A 332 13.75 -3.13 6.49
N GLU A 333 13.43 -4.34 6.94
CA GLU A 333 12.08 -4.88 6.83
C GLU A 333 11.56 -5.23 8.22
N THR A 334 10.27 -4.95 8.47
CA THR A 334 9.68 -5.13 9.79
C THR A 334 8.58 -6.21 9.77
N PHE A 335 8.61 -7.08 10.77
CA PHE A 335 7.65 -8.17 10.84
C PHE A 335 6.95 -8.17 12.18
N ARG A 336 5.64 -8.40 12.17
CA ARG A 336 4.85 -8.44 13.39
C ARG A 336 4.09 -9.78 13.44
N PRO A 337 3.89 -10.32 14.65
CA PRO A 337 3.17 -11.58 14.79
C PRO A 337 1.69 -11.47 14.39
N GLY A 338 1.25 -12.34 13.50
CA GLY A 338 -0.09 -12.28 12.96
C GLY A 338 -0.92 -13.52 13.27
N GLY A 339 -2.00 -13.69 12.52
CA GLY A 339 -2.95 -14.77 12.76
C GLY A 339 -4.35 -14.22 12.74
N GLY A 340 -5.33 -15.07 13.05
CA GLY A 340 -6.72 -14.66 13.03
C GLY A 340 -7.52 -15.55 12.10
N ASP A 341 -6.97 -15.80 10.92
CA ASP A 341 -7.53 -16.80 10.03
C ASP A 341 -6.88 -18.15 10.39
N MET A 342 -7.60 -18.96 11.16
CA MET A 342 -7.07 -20.23 11.62
C MET A 342 -6.69 -21.15 10.46
N ARG A 343 -7.14 -20.83 9.26
CA ARG A 343 -6.82 -21.66 8.11
C ARG A 343 -5.30 -21.73 7.92
N ASP A 344 -4.60 -20.68 8.31
CA ASP A 344 -3.14 -20.69 8.29
C ASP A 344 -2.60 -21.75 9.24
N ASN A 345 -3.22 -21.89 10.40
CA ASN A 345 -2.82 -22.95 11.34
C ASN A 345 -2.91 -24.32 10.68
N TRP A 346 -4.02 -24.59 10.02
CA TRP A 346 -4.24 -25.87 9.35
C TRP A 346 -3.26 -26.03 8.19
N ARG A 347 -3.02 -24.94 7.46
CA ARG A 347 -2.10 -24.96 6.33
C ARG A 347 -0.70 -25.37 6.74
N SER A 348 -0.27 -24.94 7.93
CA SER A 348 1.10 -25.23 8.37
C SER A 348 1.26 -26.73 8.61
N GLU A 349 0.12 -27.41 8.71
CA GLU A 349 0.10 -28.81 9.10
C GLU A 349 -0.31 -29.73 7.94
N LEU A 350 -1.00 -29.18 6.94
CA LEU A 350 -1.53 -29.98 5.82
C LEU A 350 -0.85 -29.72 4.48
N TYR A 351 0.20 -28.91 4.48
CA TYR A 351 0.78 -28.46 3.22
C TYR A 351 1.42 -29.56 2.38
N LYS A 352 1.80 -30.67 3.02
CA LYS A 352 2.45 -31.78 2.33
C LYS A 352 1.46 -32.70 1.63
N TYR A 353 0.17 -32.48 1.86
CA TYR A 353 -0.83 -33.44 1.40
C TYR A 353 -1.66 -32.93 0.24
N LYS A 354 -2.35 -33.86 -0.41
CA LYS A 354 -3.15 -33.57 -1.58
C LYS A 354 -4.06 -34.76 -1.85
N VAL A 355 -5.31 -34.49 -2.21
CA VAL A 355 -6.24 -35.58 -2.52
C VAL A 355 -6.37 -35.77 -4.02
N VAL A 356 -6.63 -37.01 -4.43
CA VAL A 356 -6.82 -37.31 -5.85
C VAL A 356 -7.77 -38.49 -6.01
N LYS A 357 -8.57 -38.45 -7.08
CA LYS A 357 -9.44 -39.57 -7.42
C LYS A 357 -8.59 -40.57 -8.19
N ILE A 358 -8.98 -41.85 -8.12
CA ILE A 358 -8.29 -42.87 -8.89
C ILE A 358 -9.14 -43.28 -10.09
N GLU A 359 -8.83 -42.68 -11.25
CA GLU A 359 -9.58 -42.95 -12.48
C GLU A 359 -9.64 -44.45 -12.78
N GLN B 1 -23.99 -7.06 -5.49
CA GLN B 1 -23.31 -5.85 -6.05
C GLN B 1 -22.43 -5.16 -4.99
N VAL B 2 -21.16 -5.56 -4.95
CA VAL B 2 -20.23 -4.99 -3.99
C VAL B 2 -20.24 -3.47 -4.08
N GLN B 3 -20.70 -2.82 -3.00
CA GLN B 3 -20.77 -1.37 -2.97
C GLN B 3 -20.20 -0.81 -1.67
N LEU B 4 -19.22 0.09 -1.80
CA LEU B 4 -18.59 0.73 -0.65
C LEU B 4 -19.05 2.19 -0.56
N VAL B 5 -19.59 2.58 0.60
CA VAL B 5 -20.17 3.91 0.76
C VAL B 5 -19.48 4.70 1.85
N GLN B 6 -18.97 5.89 1.50
CA GLN B 6 -18.14 6.66 2.42
C GLN B 6 -18.84 7.87 2.97
N SER B 7 -18.29 8.41 4.06
CA SER B 7 -18.84 9.59 4.72
C SER B 7 -18.51 10.85 3.93
N GLY B 8 -19.14 11.97 4.31
CA GLY B 8 -18.98 13.23 3.59
C GLY B 8 -17.63 13.90 3.81
N GLY B 9 -17.30 14.82 2.91
CA GLY B 9 -16.05 15.55 2.99
C GLY B 9 -15.91 16.35 4.27
N GLN B 10 -14.71 16.84 4.52
CA GLN B 10 -14.43 17.55 5.77
C GLN B 10 -13.44 18.68 5.58
N MET B 11 -13.56 19.68 6.45
CA MET B 11 -12.58 20.76 6.51
C MET B 11 -11.87 20.65 7.86
N LYS B 12 -10.55 20.77 7.83
CA LYS B 12 -9.76 20.63 9.05
C LYS B 12 -8.64 21.67 9.09
N LYS B 13 -8.02 21.82 10.26
CA LYS B 13 -6.90 22.75 10.42
C LYS B 13 -5.70 21.99 10.98
N PRO B 14 -4.49 22.45 10.64
CA PRO B 14 -3.28 21.80 11.15
C PRO B 14 -3.38 21.47 12.63
N GLY B 15 -3.03 20.24 13.00
CA GLY B 15 -3.07 19.82 14.40
C GLY B 15 -4.25 18.92 14.70
N GLU B 16 -5.38 19.14 14.02
CA GLU B 16 -6.57 18.35 14.27
C GLU B 16 -6.39 16.90 13.79
N SER B 17 -7.28 16.02 14.23
CA SER B 17 -7.32 14.66 13.73
C SER B 17 -8.67 14.39 13.08
N MET B 18 -8.71 13.48 12.12
CA MET B 18 -9.94 13.19 11.39
C MET B 18 -10.35 11.73 11.53
N ARG B 19 -11.66 11.49 11.46
CA ARG B 19 -12.18 10.14 11.37
C ARG B 19 -13.17 10.08 10.22
N ILE B 20 -12.92 9.20 9.25
CA ILE B 20 -13.88 8.93 8.18
C ILE B 20 -14.34 7.48 8.28
N SER B 21 -15.48 7.18 7.68
CA SER B 21 -16.03 5.83 7.72
C SER B 21 -16.30 5.28 6.32
N CYS B 22 -16.53 3.97 6.25
CA CYS B 22 -16.80 3.30 4.98
C CYS B 22 -17.65 2.05 5.22
N ARG B 23 -18.86 2.04 4.69
CA ARG B 23 -19.77 0.92 4.89
C ARG B 23 -19.79 -0.01 3.68
N ALA B 24 -19.58 -1.30 3.92
CA ALA B 24 -19.52 -2.29 2.85
C ALA B 24 -20.85 -3.02 2.71
N SER B 25 -21.25 -3.27 1.46
CA SER B 25 -22.51 -3.92 1.17
C SER B 25 -22.32 -4.97 0.08
N GLY B 26 -23.19 -5.97 0.06
CA GLY B 26 -23.23 -6.93 -1.04
C GLY B 26 -22.17 -8.03 -0.98
N TYR B 27 -21.62 -8.28 0.20
CA TYR B 27 -20.67 -9.38 0.35
C TYR B 27 -20.30 -9.67 1.80
N GLU B 28 -19.63 -10.81 2.01
CA GLU B 28 -19.16 -11.20 3.33
C GLU B 28 -18.11 -10.22 3.82
N PHE B 29 -18.52 -9.30 4.69
CA PHE B 29 -17.63 -8.26 5.20
C PHE B 29 -16.32 -8.82 5.76
N ILE B 30 -16.41 -9.81 6.64
CA ILE B 30 -15.23 -10.38 7.30
C ILE B 30 -14.33 -11.20 6.39
N ASP B 31 -14.80 -11.52 5.18
CA ASP B 31 -14.06 -12.42 4.30
C ASP B 31 -13.11 -11.69 3.38
N CYS B 32 -13.24 -10.37 3.29
CA CYS B 32 -12.40 -9.61 2.37
C CYS B 32 -11.60 -8.49 3.03
N THR B 33 -10.34 -8.41 2.64
CA THR B 33 -9.45 -7.35 3.09
C THR B 33 -9.95 -6.01 2.55
N LEU B 34 -9.65 -4.94 3.30
CA LEU B 34 -10.08 -3.59 2.96
C LEU B 34 -8.86 -2.68 2.92
N ASN B 35 -8.94 -1.59 2.16
CA ASN B 35 -7.80 -0.71 2.00
C ASN B 35 -8.17 0.76 2.03
N TRP B 36 -7.22 1.59 2.45
CA TRP B 36 -7.39 3.02 2.41
C TRP B 36 -6.32 3.63 1.51
N ILE B 37 -6.79 4.30 0.46
CA ILE B 37 -5.93 4.95 -0.50
C ILE B 37 -6.29 6.42 -0.50
N ARG B 38 -5.30 7.29 -0.60
CA ARG B 38 -5.61 8.71 -0.78
C ARG B 38 -4.99 9.24 -2.06
N LEU B 39 -5.72 10.11 -2.73
CA LEU B 39 -5.25 10.73 -3.96
C LEU B 39 -5.28 12.25 -3.85
N ALA B 40 -4.18 12.87 -4.24
CA ALA B 40 -4.08 14.32 -4.25
C ALA B 40 -3.52 14.78 -5.59
N PRO B 41 -4.13 15.80 -6.18
CA PRO B 41 -3.70 16.25 -7.51
C PRO B 41 -2.19 16.47 -7.59
N GLY B 42 -1.54 15.85 -8.57
CA GLY B 42 -0.11 16.02 -8.78
C GLY B 42 0.74 15.09 -7.93
N LYS B 43 0.11 14.46 -6.94
CA LYS B 43 0.83 13.53 -6.09
C LYS B 43 0.59 12.09 -6.52
N ARG B 44 1.60 11.28 -6.30
CA ARG B 44 1.47 9.84 -6.46
C ARG B 44 0.41 9.34 -5.49
N PRO B 45 -0.57 8.56 -5.99
CA PRO B 45 -1.53 7.91 -5.09
C PRO B 45 -0.80 7.18 -3.97
N GLU B 46 -1.31 7.28 -2.75
CA GLU B 46 -0.66 6.67 -1.61
C GLU B 46 -1.57 5.68 -0.91
N TRP B 47 -1.12 4.43 -0.84
CA TRP B 47 -1.80 3.40 -0.08
C TRP B 47 -1.43 3.59 1.39
N MET B 48 -2.43 3.62 2.26
CA MET B 48 -2.22 3.98 3.67
C MET B 48 -2.18 2.76 4.56
N GLY B 49 -2.93 1.73 4.18
CA GLY B 49 -2.86 0.47 4.87
C GLY B 49 -4.04 -0.42 4.56
N TRP B 50 -3.98 -1.67 5.02
CA TRP B 50 -5.13 -2.56 4.90
C TRP B 50 -5.61 -3.05 6.25
N LEU B 51 -6.88 -3.42 6.27
CA LEU B 51 -7.58 -3.81 7.48
C LEU B 51 -8.30 -5.11 7.14
N LYS B 52 -8.05 -6.15 7.93
CA LYS B 52 -8.81 -7.39 7.76
C LYS B 52 -9.90 -7.46 8.83
N PRO B 53 -11.16 -7.24 8.43
CA PRO B 53 -12.26 -7.11 9.41
C PRO B 53 -12.40 -8.33 10.31
N ARG B 54 -11.89 -9.47 9.84
CA ARG B 54 -11.93 -10.72 10.59
C ARG B 54 -11.62 -10.45 12.07
N GLY B 55 -10.36 -10.21 12.37
CA GLY B 55 -9.95 -9.88 13.73
C GLY B 55 -9.48 -8.44 13.84
N GLY B 56 -9.64 -7.68 12.76
CA GLY B 56 -9.24 -6.29 12.77
C GLY B 56 -7.75 -6.12 12.55
N ALA B 57 -7.10 -7.16 12.02
CA ALA B 57 -5.67 -7.12 11.73
C ALA B 57 -5.39 -5.96 10.79
N VAL B 58 -4.21 -5.38 10.90
CA VAL B 58 -3.84 -4.23 10.08
C VAL B 58 -2.39 -4.23 9.64
N ASN B 59 -2.10 -3.34 8.69
CA ASN B 59 -0.79 -3.18 8.13
C ASN B 59 -0.72 -1.76 7.59
N TYR B 60 0.02 -0.90 8.27
CA TYR B 60 0.06 0.53 7.95
C TYR B 60 1.28 0.88 7.11
N ALA B 61 1.09 1.73 6.09
CA ALA B 61 2.20 2.25 5.32
C ALA B 61 3.23 2.84 6.28
N ARG B 62 4.48 2.46 6.10
CA ARG B 62 5.55 2.83 7.03
C ARG B 62 5.65 4.33 7.26
N PRO B 63 5.47 5.14 6.21
CA PRO B 63 5.57 6.58 6.46
C PRO B 63 4.39 7.13 7.27
N LEU B 64 3.41 6.29 7.57
CA LEU B 64 2.23 6.71 8.32
C LEU B 64 2.12 6.07 9.70
N GLN B 65 2.96 5.07 9.96
CA GLN B 65 2.87 4.39 11.26
C GLN B 65 3.03 5.38 12.40
N GLY B 66 2.09 5.35 13.33
CA GLY B 66 2.05 6.31 14.42
C GLY B 66 0.88 7.27 14.28
N ARG B 67 0.62 7.69 13.05
CA ARG B 67 -0.38 8.73 12.79
C ARG B 67 -1.74 8.17 12.36
N VAL B 68 -1.74 6.95 11.83
CA VAL B 68 -2.96 6.40 11.26
C VAL B 68 -3.53 5.29 12.14
N THR B 69 -4.86 5.17 12.13
CA THR B 69 -5.53 4.09 12.84
C THR B 69 -6.71 3.59 12.02
N MET B 70 -6.82 2.29 11.89
CA MET B 70 -7.88 1.68 11.10
C MET B 70 -8.61 0.67 11.94
N THR B 71 -9.92 0.88 12.09
CA THR B 71 -10.75 -0.01 12.89
C THR B 71 -12.01 -0.35 12.12
N ARG B 72 -12.88 -1.14 12.73
CA ARG B 72 -14.12 -1.52 12.07
C ARG B 72 -15.17 -2.01 13.06
N ASP B 73 -16.43 -1.85 12.67
CA ASP B 73 -17.54 -2.30 13.48
C ASP B 73 -18.18 -3.50 12.80
N VAL B 74 -17.76 -4.69 13.21
CA VAL B 74 -18.14 -5.91 12.53
C VAL B 74 -19.66 -6.17 12.59
N TYR B 75 -20.37 -5.46 13.46
CA TYR B 75 -21.82 -5.59 13.53
C TYR B 75 -22.51 -4.58 12.63
N SER B 76 -21.74 -3.67 12.05
CA SER B 76 -22.29 -2.62 11.21
C SER B 76 -21.58 -2.57 9.86
N ASP B 77 -20.78 -3.60 9.57
CA ASP B 77 -20.02 -3.68 8.32
C ASP B 77 -19.45 -2.31 7.93
N THR B 78 -18.88 -1.60 8.90
CA THR B 78 -18.33 -0.28 8.67
C THR B 78 -16.85 -0.22 9.06
N ALA B 79 -16.01 0.21 8.12
CA ALA B 79 -14.60 0.42 8.39
C ALA B 79 -14.36 1.89 8.73
N PHE B 80 -13.38 2.13 9.60
CA PHE B 80 -13.09 3.48 10.03
C PHE B 80 -11.60 3.79 9.85
N LEU B 81 -11.31 5.01 9.40
CA LEU B 81 -9.94 5.49 9.31
C LEU B 81 -9.76 6.73 10.16
N GLU B 82 -8.72 6.74 11.00
CA GLU B 82 -8.36 7.92 11.76
C GLU B 82 -6.94 8.32 11.42
N LEU B 83 -6.75 9.60 11.10
CA LEU B 83 -5.43 10.16 10.86
C LEU B 83 -5.26 11.36 11.78
N ARG B 84 -4.19 11.38 12.57
CA ARG B 84 -4.02 12.46 13.53
C ARG B 84 -2.80 13.33 13.20
N SER B 85 -2.73 14.50 13.83
CA SER B 85 -1.65 15.45 13.59
C SER B 85 -1.63 15.87 12.13
N LEU B 86 -2.77 16.38 11.67
CA LEU B 86 -2.94 16.77 10.27
C LEU B 86 -2.08 17.96 9.89
N THR B 87 -1.44 17.86 8.72
CA THR B 87 -0.73 18.98 8.12
C THR B 87 -1.43 19.34 6.82
N VAL B 88 -0.96 20.40 6.17
CA VAL B 88 -1.54 20.80 4.89
C VAL B 88 -1.30 19.73 3.84
N ASP B 89 -0.26 18.92 4.03
CA ASP B 89 0.09 17.87 3.07
C ASP B 89 -0.84 16.67 3.16
N ASP B 90 -1.83 16.76 4.05
CA ASP B 90 -2.80 15.69 4.21
C ASP B 90 -4.07 15.99 3.44
N THR B 91 -4.07 17.12 2.73
CA THR B 91 -5.17 17.47 1.84
C THR B 91 -5.22 16.49 0.68
N ALA B 92 -6.33 15.77 0.56
CA ALA B 92 -6.49 14.77 -0.49
C ALA B 92 -7.91 14.22 -0.48
N VAL B 93 -8.22 13.41 -1.46
CA VAL B 93 -9.46 12.64 -1.42
C VAL B 93 -9.13 11.23 -0.96
N TYR B 94 -9.81 10.77 0.08
CA TYR B 94 -9.52 9.48 0.69
C TYR B 94 -10.55 8.46 0.23
N PHE B 95 -10.06 7.29 -0.17
CA PHE B 95 -10.90 6.23 -0.70
C PHE B 95 -10.71 4.97 0.09
N CYS B 96 -11.76 4.16 0.18
CA CYS B 96 -11.60 2.77 0.59
C CYS B 96 -11.77 1.91 -0.66
N THR B 97 -11.05 0.79 -0.73
CA THR B 97 -11.13 -0.07 -1.90
C THR B 97 -11.06 -1.53 -1.49
N ARG B 98 -11.59 -2.39 -2.34
CA ARG B 98 -11.51 -3.83 -2.15
C ARG B 98 -11.06 -4.48 -3.45
N GLY B 99 -10.40 -5.63 -3.35
CA GLY B 99 -9.96 -6.37 -4.50
C GLY B 99 -11.12 -6.91 -5.32
N LYS B 100 -10.83 -7.36 -6.53
CA LYS B 100 -11.84 -7.94 -7.40
C LYS B 100 -12.36 -9.25 -6.81
N ASN B 101 -11.46 -10.00 -6.17
CA ASN B 101 -11.83 -11.17 -5.42
C ASN B 101 -10.97 -11.31 -4.16
N CYS B 102 -11.50 -12.01 -3.17
CA CYS B 102 -10.89 -12.04 -1.84
C CYS B 102 -9.52 -12.72 -1.80
N ASP B 103 -9.18 -13.46 -2.85
CA ASP B 103 -7.90 -14.16 -2.92
C ASP B 103 -6.73 -13.23 -3.25
N TYR B 104 -7.04 -12.03 -3.74
CA TYR B 104 -6.01 -11.07 -4.08
C TYR B 104 -6.48 -9.67 -3.73
N ASN B 105 -5.68 -8.97 -2.94
CA ASN B 105 -6.06 -7.68 -2.41
C ASN B 105 -5.94 -6.51 -3.40
N TRP B 106 -4.91 -6.54 -4.23
CA TRP B 106 -4.41 -5.31 -4.87
C TRP B 106 -5.12 -4.86 -6.15
N ASP B 107 -5.87 -5.77 -6.76
CA ASP B 107 -6.64 -5.41 -7.96
C ASP B 107 -7.94 -4.73 -7.56
N PHE B 108 -7.86 -3.43 -7.33
CA PHE B 108 -8.96 -2.66 -6.75
C PHE B 108 -10.09 -2.40 -7.73
N GLU B 109 -11.00 -3.34 -7.85
CA GLU B 109 -12.13 -3.14 -8.74
C GLU B 109 -13.19 -2.26 -8.09
N HIS B 110 -13.20 -2.22 -6.77
CA HIS B 110 -14.23 -1.49 -6.04
C HIS B 110 -13.67 -0.32 -5.24
N TRP B 111 -14.29 0.85 -5.45
CA TRP B 111 -13.91 2.08 -4.76
C TRP B 111 -15.17 2.80 -4.28
N GLY B 112 -15.04 3.54 -3.19
CA GLY B 112 -16.12 4.41 -2.75
C GLY B 112 -16.02 5.73 -3.49
N ARG B 113 -17.05 6.58 -3.35
CA ARG B 113 -17.04 7.92 -3.92
C ARG B 113 -15.81 8.71 -3.49
N GLY B 114 -15.24 8.33 -2.36
CA GLY B 114 -14.10 9.03 -1.81
C GLY B 114 -14.53 10.19 -0.94
N THR B 115 -13.85 10.36 0.18
CA THR B 115 -14.12 11.48 1.08
C THR B 115 -13.03 12.53 0.89
N PRO B 116 -13.41 13.71 0.41
CA PRO B 116 -12.42 14.78 0.27
C PRO B 116 -12.16 15.48 1.59
N VAL B 117 -10.91 15.52 2.03
CA VAL B 117 -10.54 16.28 3.22
C VAL B 117 -9.60 17.41 2.84
N ILE B 118 -9.94 18.62 3.29
CA ILE B 118 -9.10 19.78 3.06
C ILE B 118 -8.58 20.28 4.39
N VAL B 119 -7.26 20.44 4.47
CA VAL B 119 -6.62 20.94 5.68
C VAL B 119 -6.10 22.34 5.43
N SER B 120 -6.77 23.34 6.01
CA SER B 120 -6.44 24.75 5.77
C SER B 120 -5.65 25.34 6.92
N SER B 121 -4.63 26.12 6.58
CA SER B 121 -3.77 26.75 7.56
C SER B 121 -4.26 28.18 7.84
N PRO B 122 -4.05 28.65 9.07
CA PRO B 122 -4.38 30.05 9.40
C PRO B 122 -3.25 30.96 8.95
N SER B 123 -2.10 30.36 8.67
CA SER B 123 -0.92 31.12 8.28
C SER B 123 -1.02 31.65 6.85
N THR B 124 -0.48 32.86 6.65
CA THR B 124 -0.37 33.42 5.32
C THR B 124 1.00 34.07 5.16
N LYS B 125 1.29 34.49 3.93
CA LYS B 125 2.57 35.13 3.61
C LYS B 125 2.51 35.73 2.22
N GLY B 126 2.77 37.03 2.13
CA GLY B 126 2.77 37.72 0.85
C GLY B 126 3.96 37.33 0.00
N PRO B 127 3.81 37.44 -1.33
CA PRO B 127 4.88 37.10 -2.28
C PRO B 127 5.93 38.18 -2.40
N SER B 128 7.17 37.78 -2.67
CA SER B 128 8.18 38.72 -3.12
C SER B 128 8.14 38.73 -4.65
N VAL B 129 7.94 39.90 -5.23
CA VAL B 129 7.81 40.01 -6.69
C VAL B 129 9.09 40.54 -7.34
N PHE B 130 9.71 39.71 -8.16
CA PHE B 130 10.97 40.06 -8.80
C PHE B 130 10.79 40.27 -10.29
N PRO B 131 11.40 41.33 -10.84
CA PRO B 131 11.26 41.57 -12.28
C PRO B 131 12.02 40.57 -13.13
N LEU B 132 11.36 40.07 -14.17
CA LEU B 132 12.03 39.30 -15.20
C LEU B 132 12.23 40.23 -16.38
N ALA B 133 13.42 40.77 -16.52
CA ALA B 133 13.65 41.90 -17.42
C ALA B 133 14.22 41.47 -18.78
N PRO B 134 13.78 42.17 -19.84
CA PRO B 134 14.32 42.00 -21.19
C PRO B 134 15.73 42.56 -21.26
N SER B 135 16.66 41.76 -21.81
CA SER B 135 18.07 42.14 -21.84
C SER B 135 18.72 41.65 -23.12
N SER B 136 19.48 40.58 -23.01
CA SER B 136 20.05 39.90 -24.17
C SER B 136 20.45 40.86 -25.29
N LYS B 137 19.46 41.34 -26.04
CA LYS B 137 19.70 42.18 -27.20
C LYS B 137 18.39 42.46 -27.92
N SER B 138 17.70 43.53 -27.52
CA SER B 138 16.37 43.82 -28.03
C SER B 138 15.47 42.58 -27.91
N THR B 139 15.91 41.63 -27.10
CA THR B 139 15.29 40.32 -26.98
C THR B 139 15.31 39.51 -28.28
N SER B 140 14.99 40.15 -29.40
CA SER B 140 15.00 39.48 -30.70
C SER B 140 14.96 40.53 -31.80
N GLY B 141 14.56 40.11 -32.99
CA GLY B 141 14.36 41.05 -34.07
C GLY B 141 13.46 42.19 -33.62
N GLY B 142 12.22 41.85 -33.29
CA GLY B 142 11.23 42.86 -32.91
C GLY B 142 10.36 42.50 -31.72
N THR B 143 10.49 41.28 -31.21
CA THR B 143 9.66 40.86 -30.09
C THR B 143 10.49 40.69 -28.81
N ALA B 144 9.98 41.25 -27.72
CA ALA B 144 10.66 41.21 -26.43
C ALA B 144 9.80 40.51 -25.40
N ALA B 145 10.44 39.90 -24.42
CA ALA B 145 9.73 39.18 -23.38
C ALA B 145 10.16 39.71 -22.01
N LEU B 146 9.20 39.75 -21.09
CA LEU B 146 9.43 40.25 -19.75
C LEU B 146 8.34 39.72 -18.86
N GLY B 147 8.54 39.77 -17.56
CA GLY B 147 7.54 39.27 -16.64
C GLY B 147 7.88 39.55 -15.20
N CYS B 148 7.15 38.89 -14.30
CA CYS B 148 7.38 38.99 -12.87
C CYS B 148 7.54 37.60 -12.28
N LEU B 149 8.41 37.48 -11.29
CA LEU B 149 8.56 36.25 -10.54
C LEU B 149 7.92 36.47 -9.19
N VAL B 150 6.73 35.91 -9.01
CA VAL B 150 5.98 36.04 -7.77
C VAL B 150 6.32 34.87 -6.88
N LYS B 151 7.22 35.07 -5.92
CA LYS B 151 7.83 33.95 -5.20
C LYS B 151 7.47 33.87 -3.72
N ASP B 152 7.45 32.65 -3.21
CA ASP B 152 7.33 32.40 -1.77
C ASP B 152 6.12 33.04 -1.13
N TYR B 153 4.93 32.78 -1.68
CA TYR B 153 3.70 33.22 -1.04
C TYR B 153 2.90 32.02 -0.57
N PHE B 154 1.89 32.27 0.25
CA PHE B 154 1.06 31.22 0.80
C PHE B 154 -0.09 31.81 1.60
N PRO B 155 -1.27 31.18 1.56
CA PRO B 155 -1.60 30.07 0.67
C PRO B 155 -1.92 30.60 -0.73
N GLU B 156 -2.54 29.79 -1.58
CA GLU B 156 -2.96 30.26 -2.89
C GLU B 156 -4.27 31.03 -2.74
N PRO B 157 -4.63 31.81 -3.76
CA PRO B 157 -3.90 32.07 -5.01
C PRO B 157 -3.39 33.50 -5.07
N VAL B 158 -2.86 33.90 -6.22
CA VAL B 158 -2.49 35.30 -6.43
C VAL B 158 -3.04 35.79 -7.76
N THR B 159 -3.42 37.06 -7.79
CA THR B 159 -3.85 37.69 -9.03
C THR B 159 -2.65 38.34 -9.68
N VAL B 160 -2.58 38.32 -11.00
CA VAL B 160 -1.56 39.11 -11.69
C VAL B 160 -2.06 39.63 -13.04
N SER B 161 -2.31 40.93 -13.09
CA SER B 161 -2.66 41.63 -14.32
C SER B 161 -1.52 42.56 -14.72
N TRP B 162 -1.56 43.10 -15.93
CA TRP B 162 -0.50 43.96 -16.42
C TRP B 162 -1.01 45.35 -16.76
N ASN B 163 -0.26 46.36 -16.31
CA ASN B 163 -0.69 47.75 -16.42
C ASN B 163 -2.15 47.90 -16.03
N SER B 164 -2.53 47.19 -14.99
CA SER B 164 -3.89 47.24 -14.46
C SER B 164 -4.94 46.97 -15.54
N GLY B 165 -4.78 45.86 -16.25
CA GLY B 165 -5.76 45.40 -17.20
C GLY B 165 -5.56 45.91 -18.61
N ALA B 166 -4.84 47.02 -18.75
CA ALA B 166 -4.60 47.62 -20.05
C ALA B 166 -3.96 46.63 -21.01
N LEU B 167 -2.99 45.87 -20.51
CA LEU B 167 -2.27 44.90 -21.31
C LEU B 167 -2.71 43.47 -21.00
N THR B 168 -3.29 42.81 -22.00
CA THR B 168 -3.76 41.44 -21.86
C THR B 168 -3.27 40.56 -23.01
N SER B 169 -3.33 41.10 -24.23
CA SER B 169 -2.85 40.39 -25.40
C SER B 169 -1.38 40.01 -25.27
N GLY B 170 -1.08 38.73 -25.44
CA GLY B 170 0.30 38.25 -25.37
C GLY B 170 0.72 37.82 -23.98
N VAL B 171 -0.19 37.88 -23.01
CA VAL B 171 0.13 37.56 -21.62
C VAL B 171 -0.06 36.09 -21.30
N HIS B 172 0.93 35.50 -20.64
CA HIS B 172 0.85 34.13 -20.16
C HIS B 172 1.15 34.11 -18.66
N THR B 173 0.17 33.74 -17.86
CA THR B 173 0.39 33.58 -16.42
C THR B 173 0.38 32.08 -16.09
N PHE B 174 1.49 31.59 -15.57
CA PHE B 174 1.67 30.14 -15.40
C PHE B 174 1.04 29.60 -14.13
N PRO B 175 0.75 28.29 -14.13
CA PRO B 175 0.18 27.66 -12.94
C PRO B 175 1.12 27.82 -11.76
N ALA B 176 0.59 28.20 -10.61
CA ALA B 176 1.39 28.27 -9.41
C ALA B 176 2.04 26.91 -9.19
N VAL B 177 3.19 26.90 -8.53
CA VAL B 177 3.88 25.66 -8.22
C VAL B 177 4.28 25.65 -6.75
N LEU B 178 4.16 24.49 -6.11
CA LEU B 178 4.54 24.34 -4.72
C LEU B 178 6.03 24.03 -4.61
N GLN B 179 6.68 24.56 -3.58
CA GLN B 179 8.11 24.34 -3.39
C GLN B 179 8.33 23.53 -2.12
N SER B 180 9.51 22.94 -2.00
CA SER B 180 9.87 22.18 -0.80
C SER B 180 9.69 23.03 0.45
N SER B 181 9.83 24.34 0.30
CA SER B 181 9.68 25.24 1.43
C SER B 181 8.25 25.19 1.96
N GLY B 182 7.34 24.73 1.11
CA GLY B 182 5.93 24.71 1.46
C GLY B 182 5.25 25.95 0.92
N LEU B 183 6.06 26.85 0.35
CA LEU B 183 5.55 28.08 -0.24
C LEU B 183 5.37 27.94 -1.74
N TYR B 184 4.45 28.72 -2.29
CA TYR B 184 4.16 28.63 -3.71
C TYR B 184 4.95 29.66 -4.50
N SER B 185 5.13 29.36 -5.77
CA SER B 185 5.86 30.21 -6.68
C SER B 185 5.09 30.26 -8.00
N LEU B 186 5.20 31.38 -8.71
CA LEU B 186 4.43 31.58 -9.92
C LEU B 186 5.17 32.58 -10.80
N SER B 187 5.04 32.42 -12.12
CA SER B 187 5.65 33.33 -13.07
C SER B 187 4.61 33.88 -14.02
N SER B 188 4.79 35.12 -14.45
CA SER B 188 3.89 35.73 -15.42
C SER B 188 4.68 36.56 -16.42
N VAL B 189 4.54 36.23 -17.71
CA VAL B 189 5.30 36.90 -18.75
C VAL B 189 4.39 37.49 -19.81
N VAL B 190 4.95 38.40 -20.60
CA VAL B 190 4.24 38.97 -21.75
C VAL B 190 5.25 39.32 -22.83
N THR B 191 4.83 39.22 -24.08
CA THR B 191 5.67 39.65 -25.19
C THR B 191 5.19 41.02 -25.69
N VAL B 192 6.14 41.84 -26.13
CA VAL B 192 5.88 43.22 -26.52
C VAL B 192 6.85 43.64 -27.60
N PRO B 193 6.54 44.74 -28.31
CA PRO B 193 7.48 45.22 -29.34
C PRO B 193 8.79 45.67 -28.70
N SER B 194 9.91 45.08 -29.12
CA SER B 194 11.20 45.41 -28.54
C SER B 194 11.55 46.90 -28.72
N SER B 195 10.91 47.57 -29.66
CA SER B 195 11.19 48.98 -29.93
C SER B 195 10.55 49.89 -28.88
N SER B 196 9.46 49.42 -28.28
CA SER B 196 8.67 50.23 -27.36
C SER B 196 9.24 50.21 -25.93
N LEU B 197 10.22 49.35 -25.69
CA LEU B 197 10.81 49.20 -24.37
C LEU B 197 11.22 50.53 -23.75
N GLY B 198 11.88 51.37 -24.55
CA GLY B 198 12.41 52.63 -24.05
C GLY B 198 11.33 53.65 -23.76
N THR B 199 10.14 53.45 -24.30
CA THR B 199 9.08 54.44 -24.22
C THR B 199 7.83 53.93 -23.49
N GLN B 200 7.75 52.62 -23.29
CA GLN B 200 6.55 52.01 -22.73
C GLN B 200 6.82 51.41 -21.37
N THR B 201 6.14 51.93 -20.35
CA THR B 201 6.28 51.40 -19.00
C THR B 201 5.48 50.11 -18.85
N TYR B 202 6.10 49.10 -18.24
CA TYR B 202 5.42 47.86 -17.96
C TYR B 202 5.40 47.57 -16.46
N ILE B 203 4.20 47.44 -15.92
CA ILE B 203 3.98 47.21 -14.49
C ILE B 203 3.16 45.93 -14.34
N CYS B 204 3.52 45.10 -13.37
CA CYS B 204 2.71 43.93 -13.07
C CYS B 204 2.02 44.09 -11.72
N ASN B 205 0.75 43.68 -11.65
CA ASN B 205 -0.08 43.92 -10.48
C ASN B 205 -0.42 42.64 -9.75
N VAL B 206 0.23 42.42 -8.62
CA VAL B 206 0.10 41.17 -7.87
C VAL B 206 -0.76 41.32 -6.62
N ASN B 207 -1.85 40.57 -6.55
CA ASN B 207 -2.73 40.59 -5.38
C ASN B 207 -2.83 39.23 -4.68
N HIS B 208 -2.32 39.17 -3.46
CA HIS B 208 -2.45 37.98 -2.63
C HIS B 208 -3.43 38.28 -1.49
N LYS B 209 -4.71 38.00 -1.74
CA LYS B 209 -5.77 38.40 -0.80
C LYS B 209 -5.65 37.77 0.60
N PRO B 210 -5.08 36.56 0.71
CA PRO B 210 -4.95 35.92 2.02
C PRO B 210 -4.11 36.74 3.01
N SER B 211 -3.18 37.52 2.49
CA SER B 211 -2.36 38.40 3.32
C SER B 211 -2.70 39.85 2.99
N ASN B 212 -3.83 40.04 2.34
CA ASN B 212 -4.24 41.35 1.84
C ASN B 212 -3.03 42.17 1.40
N THR B 213 -2.38 41.70 0.35
CA THR B 213 -1.12 42.29 -0.11
C THR B 213 -1.22 42.78 -1.55
N LYS B 214 -0.76 44.01 -1.77
CA LYS B 214 -0.70 44.58 -3.12
C LYS B 214 0.71 45.03 -3.47
N VAL B 215 1.23 44.48 -4.56
CA VAL B 215 2.54 44.84 -5.06
C VAL B 215 2.46 45.19 -6.53
N ASP B 216 2.96 46.36 -6.89
CA ASP B 216 3.06 46.74 -8.30
C ASP B 216 4.52 46.95 -8.65
N LYS B 217 5.08 46.01 -9.40
CA LYS B 217 6.49 46.04 -9.77
C LYS B 217 6.69 46.52 -11.20
N LYS B 218 7.41 47.62 -11.36
CA LYS B 218 7.78 48.09 -12.69
C LYS B 218 8.93 47.23 -13.19
N VAL B 219 8.73 46.62 -14.35
CA VAL B 219 9.78 45.84 -15.00
C VAL B 219 10.42 46.68 -16.10
N GLU B 220 11.63 47.15 -15.85
CA GLU B 220 12.35 47.91 -16.86
C GLU B 220 13.53 47.10 -17.39
N PRO B 221 13.98 47.44 -18.61
CA PRO B 221 15.02 46.72 -19.35
C PRO B 221 16.38 46.71 -18.65
N LYS B 222 17.44 46.46 -19.41
CA LYS B 222 18.82 46.52 -18.90
C LYS B 222 19.63 47.53 -19.70
N SER B 223 19.46 48.81 -19.39
CA SER B 223 20.26 49.86 -20.03
C SER B 223 21.69 49.87 -19.47
N CYS B 224 22.57 49.11 -20.10
CA CYS B 224 23.95 48.99 -19.64
C CYS B 224 24.84 50.10 -20.23
N VAL C 3 10.51 3.13 -7.26
CA VAL C 3 9.94 1.79 -7.38
C VAL C 3 9.19 1.60 -8.72
N LEU C 4 8.16 2.41 -8.95
CA LEU C 4 7.39 2.37 -10.19
C LEU C 4 7.44 3.70 -10.91
N THR C 5 8.12 3.75 -12.04
CA THR C 5 8.24 4.98 -12.81
C THR C 5 7.38 4.96 -14.05
N GLN C 6 6.46 5.91 -14.13
CA GLN C 6 5.49 5.97 -15.20
C GLN C 6 5.83 7.12 -16.14
N SER C 7 5.47 7.00 -17.42
CA SER C 7 5.78 8.04 -18.39
C SER C 7 5.01 7.85 -19.68
N PRO C 8 4.82 8.93 -20.45
CA PRO C 8 5.25 10.28 -20.07
C PRO C 8 4.38 10.87 -18.98
N GLY C 9 4.69 12.08 -18.53
CA GLY C 9 3.89 12.77 -17.55
C GLY C 9 2.57 13.23 -18.15
N THR C 10 2.62 13.75 -19.37
CA THR C 10 1.42 14.24 -20.03
C THR C 10 1.35 13.80 -21.48
N LEU C 11 0.17 13.36 -21.91
CA LEU C 11 -0.12 13.17 -23.32
C LEU C 11 -1.16 14.19 -23.75
N SER C 12 -1.03 14.68 -24.99
CA SER C 12 -1.94 15.69 -25.53
C SER C 12 -2.51 15.19 -26.85
N LEU C 13 -3.74 14.68 -26.79
CA LEU C 13 -4.32 13.98 -27.92
C LEU C 13 -5.73 14.43 -28.27
N SER C 14 -6.20 14.01 -29.43
CA SER C 14 -7.56 14.28 -29.87
C SER C 14 -8.33 12.97 -29.92
N PRO C 15 -9.66 13.04 -29.76
CA PRO C 15 -10.46 11.82 -29.93
C PRO C 15 -10.20 11.16 -31.28
N GLY C 16 -9.95 9.86 -31.27
CA GLY C 16 -9.61 9.12 -32.48
C GLY C 16 -8.16 8.66 -32.49
N GLU C 17 -7.33 9.28 -31.66
CA GLU C 17 -5.90 8.98 -31.62
C GLU C 17 -5.57 7.89 -30.61
N THR C 18 -4.30 7.50 -30.55
CA THR C 18 -3.88 6.39 -29.67
C THR C 18 -2.96 6.87 -28.55
N ALA C 19 -3.29 6.50 -27.32
CA ALA C 19 -2.49 6.88 -26.17
C ALA C 19 -1.66 5.70 -25.72
N ILE C 20 -0.34 5.90 -25.66
CA ILE C 20 0.58 4.87 -25.20
C ILE C 20 1.27 5.31 -23.91
N ILE C 21 0.89 4.67 -22.82
CA ILE C 21 1.43 4.98 -21.50
C ILE C 21 2.30 3.82 -21.01
N SER C 22 3.33 4.13 -20.25
CA SER C 22 4.30 3.12 -19.84
C SER C 22 4.65 3.17 -18.36
N CYS C 23 5.13 2.04 -17.86
CA CYS C 23 5.54 1.91 -16.47
C CYS C 23 6.81 1.07 -16.45
N ARG C 24 7.80 1.51 -15.68
CA ARG C 24 9.01 0.75 -15.50
C ARG C 24 9.04 0.22 -14.08
N THR C 25 9.26 -1.08 -13.95
CA THR C 25 9.32 -1.72 -12.65
C THR C 25 10.48 -2.70 -12.60
N SER C 26 11.20 -2.69 -11.49
CA SER C 26 12.29 -3.62 -11.28
C SER C 26 11.80 -4.82 -10.46
N GLN C 27 10.60 -4.69 -9.89
CA GLN C 27 10.13 -5.65 -8.90
C GLN C 27 9.25 -6.73 -9.51
N TYR C 28 9.08 -7.81 -8.75
CA TYR C 28 8.16 -8.87 -9.09
C TYR C 28 6.78 -8.50 -8.57
N GLY C 29 5.76 -8.67 -9.40
CA GLY C 29 4.40 -8.39 -8.98
C GLY C 29 3.43 -8.12 -10.12
N SER C 30 2.26 -8.74 -10.05
CA SER C 30 1.17 -8.45 -10.97
C SER C 30 0.97 -6.94 -11.07
N LEU C 31 0.83 -6.43 -12.29
CA LEU C 31 0.68 -5.00 -12.49
C LEU C 31 -0.71 -4.66 -13.05
N ALA C 32 -1.28 -3.54 -12.59
CA ALA C 32 -2.62 -3.14 -13.00
C ALA C 32 -2.63 -1.68 -13.45
N TRP C 33 -3.64 -1.32 -14.23
CA TRP C 33 -3.81 0.06 -14.70
C TRP C 33 -5.16 0.64 -14.29
N TYR C 34 -5.16 1.88 -13.82
CA TYR C 34 -6.40 2.53 -13.39
C TYR C 34 -6.62 3.81 -14.18
N GLN C 35 -7.88 4.10 -14.44
CA GLN C 35 -8.27 5.35 -15.07
C GLN C 35 -9.01 6.24 -14.08
N GLN C 36 -8.72 7.53 -14.10
CA GLN C 36 -9.44 8.46 -13.25
C GLN C 36 -9.93 9.67 -14.02
N ARG C 37 -11.24 9.71 -14.24
CA ARG C 37 -11.88 10.88 -14.83
C ARG C 37 -11.98 12.00 -13.81
N PRO C 38 -12.07 13.24 -14.28
CA PRO C 38 -12.24 14.40 -13.40
C PRO C 38 -13.41 14.20 -12.43
N GLY C 39 -13.15 14.39 -11.14
CA GLY C 39 -14.19 14.34 -10.13
C GLY C 39 -14.88 12.99 -10.02
N GLN C 40 -14.11 11.92 -10.21
CA GLN C 40 -14.64 10.57 -10.06
C GLN C 40 -13.62 9.63 -9.43
N ALA C 41 -14.11 8.50 -8.91
CA ALA C 41 -13.23 7.49 -8.32
C ALA C 41 -12.48 6.77 -9.43
N PRO C 42 -11.21 6.41 -9.17
CA PRO C 42 -10.43 5.69 -10.17
C PRO C 42 -11.09 4.36 -10.55
N ARG C 43 -10.83 3.90 -11.75
CA ARG C 43 -11.48 2.72 -12.28
C ARG C 43 -10.43 1.72 -12.74
N LEU C 44 -10.53 0.48 -12.27
CA LEU C 44 -9.66 -0.59 -12.72
C LEU C 44 -9.87 -0.84 -14.22
N VAL C 45 -8.77 -0.82 -14.97
CA VAL C 45 -8.84 -0.99 -16.42
C VAL C 45 -8.15 -2.28 -16.85
N ILE C 46 -6.89 -2.45 -16.43
CA ILE C 46 -6.15 -3.69 -16.68
C ILE C 46 -5.64 -4.22 -15.35
N TYR C 47 -5.64 -5.55 -15.22
CA TYR C 47 -4.89 -6.18 -14.15
C TYR C 47 -4.09 -7.35 -14.71
N SER C 48 -3.30 -8.01 -13.86
CA SER C 48 -2.43 -9.09 -14.30
C SER C 48 -1.74 -8.75 -15.61
N GLY C 49 -1.32 -7.50 -15.76
CA GLY C 49 -0.52 -7.06 -16.89
C GLY C 49 -1.32 -6.72 -18.14
N SER C 50 -2.22 -7.62 -18.53
CA SER C 50 -2.91 -7.50 -19.82
C SER C 50 -4.35 -7.99 -19.79
N THR C 51 -4.90 -8.22 -18.61
CA THR C 51 -6.24 -8.78 -18.52
C THR C 51 -7.29 -7.68 -18.34
N ARG C 52 -8.15 -7.55 -19.34
CA ARG C 52 -9.17 -6.51 -19.35
C ARG C 52 -10.18 -6.68 -18.22
N ALA C 53 -10.44 -5.60 -17.49
CA ALA C 53 -11.43 -5.63 -16.42
C ALA C 53 -12.82 -5.58 -17.03
N ALA C 54 -13.83 -5.91 -16.23
CA ALA C 54 -15.20 -5.98 -16.71
C ALA C 54 -15.66 -4.64 -17.27
N GLY C 55 -16.42 -4.69 -18.37
CA GLY C 55 -16.98 -3.49 -18.96
C GLY C 55 -15.96 -2.67 -19.73
N ILE C 56 -14.76 -3.23 -19.89
CA ILE C 56 -13.67 -2.52 -20.55
C ILE C 56 -13.49 -3.00 -22.00
N PRO C 57 -13.64 -2.08 -22.97
CA PRO C 57 -13.55 -2.37 -24.40
C PRO C 57 -12.20 -2.93 -24.83
N ASP C 58 -12.13 -3.51 -26.04
CA ASP C 58 -10.87 -4.01 -26.59
C ASP C 58 -9.91 -2.86 -26.85
N ARG C 59 -10.47 -1.67 -27.02
CA ARG C 59 -9.70 -0.47 -27.27
C ARG C 59 -8.58 -0.35 -26.24
N PHE C 60 -8.83 -0.85 -25.03
CA PHE C 60 -7.84 -0.86 -23.96
C PHE C 60 -7.05 -2.15 -23.99
N SER C 61 -5.74 -2.01 -24.00
CA SER C 61 -4.86 -3.15 -24.22
C SER C 61 -3.57 -2.96 -23.43
N GLY C 62 -3.27 -3.90 -22.54
CA GLY C 62 -2.03 -3.87 -21.80
C GLY C 62 -1.02 -4.84 -22.40
N SER C 63 0.26 -4.60 -22.17
CA SER C 63 1.31 -5.48 -22.67
C SER C 63 2.57 -5.36 -21.82
N ARG C 64 3.50 -6.28 -22.00
CA ARG C 64 4.74 -6.24 -21.22
C ARG C 64 5.95 -6.60 -22.06
N TRP C 65 7.02 -5.81 -21.91
CA TRP C 65 8.30 -6.13 -22.50
C TRP C 65 9.41 -5.96 -21.47
N GLY C 66 9.89 -7.08 -20.95
CA GLY C 66 10.82 -7.06 -19.84
C GLY C 66 10.25 -6.31 -18.66
N PRO C 67 10.98 -5.32 -18.13
CA PRO C 67 10.45 -4.54 -17.02
C PRO C 67 9.43 -3.48 -17.44
N ASP C 68 9.34 -3.19 -18.74
CA ASP C 68 8.43 -2.14 -19.22
C ASP C 68 7.03 -2.65 -19.56
N TYR C 69 6.03 -2.14 -18.84
CA TYR C 69 4.64 -2.42 -19.15
C TYR C 69 4.06 -1.25 -19.93
N THR C 70 3.11 -1.54 -20.82
CA THR C 70 2.48 -0.51 -21.63
C THR C 70 0.96 -0.62 -21.63
N LEU C 71 0.27 0.50 -21.45
CA LEU C 71 -1.16 0.56 -21.64
C LEU C 71 -1.42 1.30 -22.95
N THR C 72 -2.12 0.65 -23.86
CA THR C 72 -2.46 1.27 -25.14
C THR C 72 -3.98 1.44 -25.23
N ILE C 73 -4.40 2.68 -25.46
CA ILE C 73 -5.80 2.99 -25.70
C ILE C 73 -5.95 3.44 -27.14
N SER C 74 -6.70 2.68 -27.93
CA SER C 74 -6.69 2.82 -29.39
C SER C 74 -7.53 3.98 -29.91
N ASN C 75 -8.85 3.82 -29.92
CA ASN C 75 -9.73 4.79 -30.56
C ASN C 75 -10.26 5.78 -29.54
N LEU C 76 -9.42 6.70 -29.14
CA LEU C 76 -9.71 7.59 -28.01
C LEU C 76 -11.08 8.26 -28.09
N GLU C 77 -11.76 8.30 -26.95
CA GLU C 77 -13.07 8.94 -26.84
C GLU C 77 -13.05 9.86 -25.62
N SER C 78 -13.96 10.82 -25.59
CA SER C 78 -13.97 11.82 -24.52
C SER C 78 -13.98 11.20 -23.13
N GLY C 79 -14.61 10.04 -22.98
CA GLY C 79 -14.63 9.35 -21.70
C GLY C 79 -13.25 8.90 -21.25
N ASP C 80 -12.32 8.76 -22.19
CA ASP C 80 -11.01 8.16 -21.90
C ASP C 80 -9.99 9.13 -21.29
N PHE C 81 -10.24 10.43 -21.40
CA PHE C 81 -9.26 11.42 -20.96
C PHE C 81 -9.25 11.56 -19.44
N GLY C 82 -8.08 11.80 -18.88
CA GLY C 82 -7.91 11.91 -17.44
C GLY C 82 -6.53 11.45 -17.01
N VAL C 83 -6.40 11.07 -15.75
CA VAL C 83 -5.13 10.56 -15.26
C VAL C 83 -5.15 9.03 -15.21
N TYR C 84 -4.07 8.40 -15.69
CA TYR C 84 -3.92 6.95 -15.60
C TYR C 84 -2.78 6.62 -14.66
N TYR C 85 -2.94 5.57 -13.85
CA TYR C 85 -1.88 5.12 -12.95
C TYR C 85 -1.60 3.64 -13.12
N CYS C 86 -0.33 3.28 -13.03
CA CYS C 86 0.02 1.88 -12.87
C CYS C 86 0.14 1.56 -11.39
N GLN C 87 0.01 0.29 -11.06
CA GLN C 87 0.02 -0.16 -9.68
C GLN C 87 0.64 -1.54 -9.60
N GLN C 88 1.48 -1.75 -8.60
CA GLN C 88 2.06 -3.07 -8.34
C GLN C 88 2.07 -3.29 -6.85
N TYR C 89 1.23 -4.21 -6.38
CA TYR C 89 0.98 -4.36 -4.96
C TYR C 89 0.53 -3.00 -4.41
N GLU C 90 1.23 -2.48 -3.40
CA GLU C 90 0.82 -1.25 -2.75
C GLU C 90 1.41 0.02 -3.40
N PHE C 91 2.14 -0.14 -4.50
CA PHE C 91 2.84 0.99 -5.10
C PHE C 91 2.15 1.46 -6.38
N PHE C 92 2.25 2.77 -6.65
CA PHE C 92 1.62 3.37 -7.82
C PHE C 92 2.60 4.21 -8.63
N GLY C 93 2.28 4.42 -9.90
CA GLY C 93 3.00 5.38 -10.72
C GLY C 93 2.57 6.81 -10.38
N GLN C 94 3.33 7.78 -10.86
CA GLN C 94 3.06 9.19 -10.56
C GLN C 94 1.78 9.62 -11.26
N GLY C 95 1.47 8.92 -12.34
CA GLY C 95 0.29 9.24 -13.13
C GLY C 95 0.68 9.85 -14.46
N THR C 96 -0.04 9.47 -15.49
CA THR C 96 0.06 10.10 -16.80
C THR C 96 -1.23 10.86 -17.08
N LYS C 97 -1.10 12.14 -17.41
CA LYS C 97 -2.26 12.97 -17.72
C LYS C 97 -2.44 13.00 -19.22
N VAL C 98 -3.53 12.41 -19.69
CA VAL C 98 -3.86 12.52 -21.11
C VAL C 98 -5.01 13.51 -21.25
N GLN C 99 -4.74 14.61 -21.95
CA GLN C 99 -5.65 15.73 -22.00
C GLN C 99 -6.02 16.06 -23.44
N VAL C 100 -7.23 16.58 -23.62
CA VAL C 100 -7.71 16.97 -24.94
C VAL C 100 -6.80 18.04 -25.54
N ASP C 101 -6.47 17.85 -26.81
CA ASP C 101 -5.58 18.75 -27.54
C ASP C 101 -6.23 19.13 -28.87
N ILE C 102 -5.91 20.33 -29.34
CA ILE C 102 -6.41 20.84 -30.60
C ILE C 102 -5.31 20.76 -31.66
N LYS C 103 -5.50 19.93 -32.67
CA LYS C 103 -4.50 19.77 -33.74
C LYS C 103 -4.25 21.08 -34.49
N ARG C 104 -2.97 21.39 -34.66
CA ARG C 104 -2.54 22.67 -35.22
C ARG C 104 -1.21 22.46 -35.95
N THR C 105 -0.87 23.38 -36.84
CA THR C 105 0.44 23.36 -37.50
C THR C 105 1.55 23.50 -36.46
N VAL C 106 2.70 22.88 -36.76
CA VAL C 106 3.85 22.94 -35.88
C VAL C 106 4.31 24.39 -35.67
N ALA C 107 4.64 24.72 -34.43
CA ALA C 107 5.16 26.04 -34.11
C ALA C 107 6.37 25.88 -33.19
N ALA C 108 7.50 26.43 -33.60
CA ALA C 108 8.71 26.37 -32.80
C ALA C 108 8.65 27.41 -31.69
N PRO C 109 9.12 27.04 -30.49
CA PRO C 109 9.14 28.01 -29.38
C PRO C 109 10.15 29.09 -29.65
N SER C 110 9.81 30.33 -29.33
CA SER C 110 10.84 31.35 -29.16
C SER C 110 11.29 31.25 -27.71
N VAL C 111 12.60 31.25 -27.51
CA VAL C 111 13.17 31.00 -26.19
C VAL C 111 13.77 32.26 -25.59
N PHE C 112 13.50 32.47 -24.30
CA PHE C 112 14.07 33.61 -23.58
C PHE C 112 14.58 33.13 -22.23
N ILE C 113 15.70 33.68 -21.79
CA ILE C 113 16.21 33.39 -20.44
C ILE C 113 16.33 34.69 -19.64
N PHE C 114 15.99 34.63 -18.36
CA PHE C 114 16.04 35.81 -17.49
C PHE C 114 16.94 35.54 -16.30
N PRO C 115 17.99 36.34 -16.14
CA PRO C 115 18.85 36.16 -14.98
C PRO C 115 18.16 36.64 -13.71
N PRO C 116 18.72 36.29 -12.54
CA PRO C 116 18.21 36.75 -11.25
C PRO C 116 18.18 38.27 -11.15
N SER C 117 17.05 38.83 -10.72
CA SER C 117 16.97 40.26 -10.48
C SER C 117 17.83 40.62 -9.28
N ASP C 118 18.52 41.76 -9.34
CA ASP C 118 19.38 42.17 -8.23
C ASP C 118 18.62 42.18 -6.93
N GLU C 119 17.40 42.72 -6.98
CA GLU C 119 16.54 42.76 -5.80
C GLU C 119 16.62 41.43 -5.04
N GLN C 120 16.47 40.33 -5.76
CA GLN C 120 16.40 39.00 -5.15
C GLN C 120 17.73 38.58 -4.57
N LEU C 121 18.78 38.61 -5.39
CA LEU C 121 20.11 38.22 -4.94
C LEU C 121 20.43 38.84 -3.58
N LYS C 122 19.80 39.97 -3.28
CA LYS C 122 19.99 40.60 -1.98
C LYS C 122 19.19 39.90 -0.88
N SER C 123 18.83 38.64 -1.08
CA SER C 123 18.16 37.87 -0.05
C SER C 123 18.61 36.40 -0.01
N GLY C 124 19.71 36.10 -0.69
CA GLY C 124 20.38 34.81 -0.56
C GLY C 124 19.89 33.69 -1.46
N THR C 125 18.99 34.01 -2.40
CA THR C 125 18.48 32.99 -3.32
C THR C 125 18.49 33.49 -4.77
N ALA C 126 18.82 32.59 -5.70
CA ALA C 126 18.91 32.95 -7.10
C ALA C 126 17.95 32.10 -7.95
N SER C 127 17.07 32.76 -8.68
CA SER C 127 16.15 32.08 -9.59
C SER C 127 16.39 32.47 -11.04
N VAL C 128 16.90 31.52 -11.82
CA VAL C 128 17.04 31.69 -13.26
C VAL C 128 15.81 31.12 -13.96
N VAL C 129 15.29 31.85 -14.95
CA VAL C 129 14.06 31.44 -15.62
C VAL C 129 14.25 31.32 -17.12
N CYS C 130 13.68 30.26 -17.68
CA CYS C 130 13.69 30.01 -19.12
C CYS C 130 12.25 30.05 -19.61
N LEU C 131 12.00 30.79 -20.68
CA LEU C 131 10.65 30.88 -21.24
C LEU C 131 10.59 30.33 -22.67
N LEU C 132 9.78 29.29 -22.87
CA LEU C 132 9.45 28.79 -24.20
C LEU C 132 8.06 29.29 -24.55
N ASN C 133 7.96 30.20 -25.50
CA ASN C 133 6.68 30.83 -25.79
C ASN C 133 6.02 30.40 -27.09
N ASN C 134 4.75 30.05 -27.00
CA ASN C 134 3.90 29.81 -28.16
C ASN C 134 4.41 28.76 -29.14
N PHE C 135 4.48 27.52 -28.67
CA PHE C 135 4.93 26.41 -29.49
C PHE C 135 3.84 25.35 -29.61
N TYR C 136 4.06 24.39 -30.51
CA TYR C 136 3.13 23.27 -30.69
C TYR C 136 3.79 22.21 -31.58
N PRO C 137 3.63 20.93 -31.22
CA PRO C 137 2.83 20.40 -30.10
C PRO C 137 3.46 20.64 -28.74
N ARG C 138 2.78 20.16 -27.69
CA ARG C 138 3.19 20.42 -26.33
C ARG C 138 4.55 19.79 -25.98
N GLU C 139 4.86 18.64 -26.60
CA GLU C 139 6.10 17.94 -26.30
C GLU C 139 7.31 18.87 -26.43
N ALA C 140 7.99 19.13 -25.33
CA ALA C 140 9.16 20.00 -25.33
C ALA C 140 10.12 19.58 -24.22
N LYS C 141 11.42 19.80 -24.45
CA LYS C 141 12.44 19.36 -23.51
C LYS C 141 13.34 20.54 -23.15
N VAL C 142 13.51 20.76 -21.85
CA VAL C 142 14.33 21.84 -21.35
C VAL C 142 15.34 21.33 -20.35
N GLN C 143 16.61 21.50 -20.68
CA GLN C 143 17.70 21.13 -19.79
C GLN C 143 18.44 22.37 -19.31
N TRP C 144 18.87 22.36 -18.06
CA TRP C 144 19.68 23.45 -17.53
C TRP C 144 21.15 23.04 -17.49
N LYS C 145 22.02 23.98 -17.83
CA LYS C 145 23.45 23.76 -17.72
C LYS C 145 24.13 24.91 -16.98
N VAL C 146 24.90 24.57 -15.94
CA VAL C 146 25.63 25.56 -15.17
C VAL C 146 27.11 25.29 -15.36
N ASP C 147 27.81 26.28 -15.93
CA ASP C 147 29.18 26.09 -16.37
C ASP C 147 29.27 24.85 -17.25
N ASN C 148 28.19 24.58 -17.99
CA ASN C 148 28.17 23.50 -18.97
C ASN C 148 27.85 22.13 -18.37
N ALA C 149 27.67 22.08 -17.05
CA ALA C 149 27.34 20.84 -16.38
C ALA C 149 25.82 20.67 -16.29
N LEU C 150 25.33 19.46 -16.57
CA LEU C 150 23.90 19.19 -16.48
C LEU C 150 23.39 19.33 -15.06
N GLN C 151 22.19 19.89 -14.94
CA GLN C 151 21.57 20.04 -13.63
C GLN C 151 20.55 18.94 -13.38
N SER C 152 20.19 18.73 -12.13
CA SER C 152 19.19 17.72 -11.77
C SER C 152 18.54 18.06 -10.43
N GLY C 153 17.22 18.10 -10.41
CA GLY C 153 16.49 18.32 -9.18
C GLY C 153 16.15 19.78 -8.91
N ASN C 154 17.12 20.66 -9.16
CA ASN C 154 16.98 22.07 -8.81
C ASN C 154 16.23 22.92 -9.83
N SER C 155 15.34 22.31 -10.61
CA SER C 155 14.53 23.07 -11.55
C SER C 155 13.08 22.62 -11.55
N GLN C 156 12.16 23.56 -11.68
CA GLN C 156 10.74 23.26 -11.74
C GLN C 156 10.15 23.80 -13.04
N GLU C 157 9.13 23.12 -13.55
CA GLU C 157 8.48 23.55 -14.77
C GLU C 157 6.98 23.80 -14.57
N SER C 158 6.40 24.50 -15.52
CA SER C 158 5.02 24.93 -15.43
C SER C 158 4.54 25.29 -16.85
N VAL C 159 3.36 24.81 -17.22
CA VAL C 159 2.86 24.99 -18.59
C VAL C 159 1.45 25.58 -18.58
N THR C 160 1.15 26.43 -19.55
CA THR C 160 -0.19 26.97 -19.66
C THR C 160 -1.05 26.00 -20.45
N GLU C 161 -2.36 26.16 -20.37
CA GLU C 161 -3.25 25.35 -21.19
C GLU C 161 -3.15 25.83 -22.63
N GLN C 162 -3.68 25.05 -23.56
CA GLN C 162 -3.66 25.45 -24.97
C GLN C 162 -4.38 26.77 -25.14
N ASP C 163 -3.77 27.69 -25.88
CA ASP C 163 -4.35 29.01 -26.08
C ASP C 163 -5.67 28.92 -26.84
N SER C 164 -6.68 29.66 -26.37
CA SER C 164 -7.99 29.64 -26.98
C SER C 164 -8.00 30.34 -28.32
N LYS C 165 -6.94 31.11 -28.59
CA LYS C 165 -6.84 31.86 -29.83
C LYS C 165 -5.90 31.18 -30.82
N ASP C 166 -4.65 30.96 -30.44
CA ASP C 166 -3.66 30.46 -31.37
C ASP C 166 -3.29 28.99 -31.16
N SER C 167 -3.88 28.37 -30.14
CA SER C 167 -3.69 26.94 -29.88
C SER C 167 -2.22 26.57 -29.66
N THR C 168 -1.47 27.49 -29.07
CA THR C 168 -0.09 27.22 -28.71
C THR C 168 0.03 27.02 -27.21
N TYR C 169 1.09 26.31 -26.81
CA TYR C 169 1.41 26.11 -25.41
C TYR C 169 2.59 27.01 -25.05
N SER C 170 2.65 27.45 -23.81
CA SER C 170 3.81 28.17 -23.32
C SER C 170 4.28 27.50 -22.05
N LEU C 171 5.58 27.57 -21.82
CA LEU C 171 6.18 26.83 -20.74
C LEU C 171 7.27 27.65 -20.05
N SER C 172 7.39 27.44 -18.75
CA SER C 172 8.39 28.11 -17.94
C SER C 172 9.22 27.07 -17.19
N SER C 173 10.53 27.23 -17.19
CA SER C 173 11.41 26.43 -16.34
C SER C 173 12.19 27.36 -15.42
N THR C 174 12.30 26.99 -14.15
CA THR C 174 12.91 27.86 -13.16
C THR C 174 13.98 27.12 -12.38
N LEU C 175 15.22 27.59 -12.50
CA LEU C 175 16.36 26.99 -11.80
C LEU C 175 16.56 27.70 -10.47
N THR C 176 16.24 27.04 -9.37
CA THR C 176 16.40 27.64 -8.05
C THR C 176 17.72 27.19 -7.39
N LEU C 177 18.59 28.15 -7.15
CA LEU C 177 19.89 27.91 -6.54
C LEU C 177 20.06 28.82 -5.35
N SER C 178 20.91 28.43 -4.41
CA SER C 178 21.27 29.32 -3.31
C SER C 178 22.15 30.40 -3.89
N LYS C 179 22.27 31.53 -3.19
CA LYS C 179 23.16 32.58 -3.65
C LYS C 179 24.59 32.07 -3.64
N ALA C 180 24.88 31.15 -2.73
CA ALA C 180 26.21 30.55 -2.66
C ALA C 180 26.59 29.93 -4.01
N ASP C 181 25.85 28.92 -4.44
CA ASP C 181 26.13 28.19 -5.67
C ASP C 181 26.14 29.12 -6.87
N TYR C 182 25.27 30.12 -6.83
CA TYR C 182 25.12 31.04 -7.94
C TYR C 182 26.40 31.83 -8.16
N GLU C 183 27.14 32.07 -7.09
CA GLU C 183 28.38 32.85 -7.16
C GLU C 183 29.57 32.00 -7.63
N LYS C 184 29.45 30.68 -7.57
CA LYS C 184 30.56 29.81 -7.89
C LYS C 184 30.73 29.62 -9.39
N HIS C 185 29.64 29.71 -10.14
CA HIS C 185 29.64 29.40 -11.56
C HIS C 185 29.31 30.60 -12.42
N LYS C 186 29.88 30.62 -13.63
CA LYS C 186 29.76 31.78 -14.52
C LYS C 186 28.66 31.63 -15.56
N VAL C 187 28.64 30.50 -16.26
CA VAL C 187 27.76 30.34 -17.43
C VAL C 187 26.45 29.62 -17.13
N TYR C 188 25.34 30.31 -17.34
CA TYR C 188 24.02 29.71 -17.13
C TYR C 188 23.30 29.60 -18.46
N ALA C 189 22.69 28.44 -18.70
CA ALA C 189 22.09 28.17 -20.00
C ALA C 189 20.95 27.17 -19.89
N CYS C 190 19.92 27.35 -20.73
CA CYS C 190 18.90 26.33 -20.89
C CYS C 190 18.89 25.83 -22.33
N GLU C 191 18.93 24.52 -22.49
CA GLU C 191 18.90 23.91 -23.81
C GLU C 191 17.49 23.43 -24.08
N VAL C 192 16.95 23.82 -25.22
CA VAL C 192 15.57 23.50 -25.55
C VAL C 192 15.52 22.65 -26.79
N THR C 193 14.71 21.60 -26.75
CA THR C 193 14.46 20.78 -27.93
C THR C 193 12.95 20.66 -28.17
N HIS C 194 12.58 20.63 -29.45
CA HIS C 194 11.18 20.62 -29.84
C HIS C 194 11.11 20.29 -31.32
N GLN C 195 10.05 19.58 -31.73
CA GLN C 195 9.91 19.10 -33.10
C GLN C 195 10.10 20.20 -34.16
N GLY C 196 9.68 21.41 -33.82
CA GLY C 196 9.78 22.57 -34.70
C GLY C 196 11.15 23.21 -34.78
N LEU C 197 12.12 22.65 -34.08
CA LEU C 197 13.48 23.16 -34.08
C LEU C 197 14.41 22.27 -34.89
N ARG C 198 14.98 22.82 -35.95
CA ARG C 198 15.93 22.08 -36.77
C ARG C 198 17.06 21.54 -35.90
N SER C 199 17.50 22.37 -34.96
CA SER C 199 18.51 21.97 -33.99
C SER C 199 18.08 22.40 -32.61
N PRO C 200 18.59 21.72 -31.58
CA PRO C 200 18.36 22.20 -30.21
C PRO C 200 18.87 23.63 -30.06
N VAL C 201 18.09 24.46 -29.38
CA VAL C 201 18.43 25.86 -29.14
C VAL C 201 18.96 26.07 -27.72
N THR C 202 19.94 26.94 -27.57
CA THR C 202 20.45 27.29 -26.25
C THR C 202 20.42 28.80 -26.04
N LYS C 203 19.80 29.22 -24.95
CA LYS C 203 19.89 30.60 -24.53
C LYS C 203 20.73 30.63 -23.25
N SER C 204 21.74 31.50 -23.21
CA SER C 204 22.63 31.52 -22.05
C SER C 204 23.08 32.92 -21.70
N PHE C 205 23.84 33.04 -20.62
CA PHE C 205 24.40 34.31 -20.22
C PHE C 205 25.50 34.10 -19.19
N ASN C 206 26.36 35.10 -19.05
CA ASN C 206 27.39 35.09 -18.03
C ASN C 206 26.92 35.91 -16.82
N ARG C 207 27.17 35.38 -15.63
CA ARG C 207 26.77 36.05 -14.40
C ARG C 207 27.38 37.46 -14.33
N GLY C 208 26.57 38.42 -13.87
CA GLY C 208 27.03 39.79 -13.66
C GLY C 208 27.45 40.51 -14.92
N GLU C 209 26.97 40.01 -16.06
CA GLU C 209 27.47 40.42 -17.36
C GLU C 209 26.35 40.33 -18.39
N CYS C 210 25.54 41.38 -18.47
CA CYS C 210 24.34 41.37 -19.32
C CYS C 210 24.68 41.44 -20.81
C1 NAG D . 12.89 -43.35 -14.48
C2 NAG D . 13.54 -44.72 -14.53
C3 NAG D . 15.03 -44.57 -14.26
C4 NAG D . 15.63 -43.63 -15.30
C5 NAG D . 14.83 -42.32 -15.40
C6 NAG D . 15.31 -41.50 -16.59
C7 NAG D . 12.39 -46.79 -14.02
C8 NAG D . 13.31 -47.72 -14.76
N2 NAG D . 12.94 -45.65 -13.60
O3 NAG D . 15.67 -45.84 -14.34
O4 NAG D . 16.97 -43.33 -14.97
O5 NAG D . 13.43 -42.54 -15.51
O6 NAG D . 14.54 -40.33 -16.72
O7 NAG D . 11.21 -47.07 -13.85
C1 NAG E . 8.16 -21.94 -3.11
C2 NAG E . 8.03 -21.61 -4.61
C3 NAG E . 8.47 -20.21 -5.02
C4 NAG E . 8.26 -19.16 -3.93
C5 NAG E . 8.79 -19.71 -2.61
C6 NAG E . 8.70 -18.72 -1.46
C7 NAG E . 8.24 -23.21 -6.42
C8 NAG E . 7.16 -22.48 -7.16
N2 NAG E . 8.78 -22.57 -5.39
O3 NAG E . 7.72 -19.84 -6.16
O4 NAG E . 8.93 -17.98 -4.29
O5 NAG E . 8.03 -20.82 -2.26
O6 NAG E . 9.21 -19.35 -0.31
O7 NAG E . 8.59 -24.34 -6.76
C1 NAG F . 12.13 -39.45 -0.76
C2 NAG F . 13.50 -39.78 -1.34
C3 NAG F . 14.19 -40.74 -0.38
C4 NAG F . 14.21 -40.18 1.03
C5 NAG F . 12.86 -39.62 1.47
C6 NAG F . 13.00 -38.81 2.75
C7 NAG F . 13.67 -39.62 -3.77
C8 NAG F . 12.62 -39.64 -4.86
N2 NAG F . 13.39 -40.34 -2.68
O3 NAG F . 15.51 -40.98 -0.82
O4 NAG F . 14.61 -41.20 1.93
O5 NAG F . 12.30 -38.79 0.47
O6 NAG F . 11.88 -37.95 2.91
O7 NAG F . 14.71 -38.98 -3.91
C1 NAG G . 0.50 -29.04 23.88
C2 NAG G . -0.77 -28.42 24.49
C3 NAG G . -0.86 -28.64 26.00
C4 NAG G . -0.62 -30.10 26.31
C5 NAG G . 0.67 -30.59 25.67
C6 NAG G . 0.85 -32.07 25.97
C7 NAG G . -2.03 -26.52 23.74
C8 NAG G . -2.09 -25.04 23.48
N2 NAG G . -0.88 -27.00 24.18
O3 NAG G . -2.15 -28.27 26.43
O4 NAG G . -0.55 -30.29 27.71
O5 NAG G . 0.63 -30.39 24.27
O6 NAG G . -0.34 -32.74 25.66
O7 NAG G . -3.03 -27.22 23.55
C1 NAG H . 1.66 -15.99 -6.28
C2 NAG H . 1.00 -17.30 -6.70
C3 NAG H . 1.23 -17.62 -8.18
C4 NAG H . 0.96 -16.41 -9.05
C5 NAG H . 1.68 -15.18 -8.51
C6 NAG H . 1.36 -13.94 -9.34
C7 NAG H . 0.85 -19.56 -5.78
C8 NAG H . 1.24 -20.64 -6.76
N2 NAG H . 1.50 -18.41 -5.90
O3 NAG H . 0.39 -18.68 -8.55
O4 NAG H . 1.38 -16.68 -10.37
O5 NAG H . 1.32 -14.95 -7.17
O6 NAG H . 2.09 -12.85 -8.82
O7 NAG H . -0.03 -19.77 -4.95
C1 NAG I . 18.16 -21.54 28.48
C2 NAG I . 18.61 -21.66 29.93
C3 NAG I . 20.12 -21.71 30.07
C4 NAG I . 20.77 -22.65 29.08
C5 NAG I . 20.18 -22.56 27.68
C6 NAG I . 20.61 -23.80 26.91
C7 NAG I . 17.40 -20.74 31.80
C8 NAG I . 17.26 -19.57 32.72
N2 NAG I . 18.11 -20.55 30.69
O3 NAG I . 20.43 -22.17 31.37
O4 NAG I . 22.16 -22.36 29.02
O5 NAG I . 18.76 -22.55 27.69
O6 NAG I . 20.16 -23.71 25.58
O7 NAG I . 16.90 -21.83 32.09
C1 NAG J . 20.78 -12.79 20.90
C2 NAG J . 21.48 -12.06 22.05
C3 NAG J . 22.35 -10.93 21.55
C4 NAG J . 23.28 -11.40 20.44
C5 NAG J . 22.60 -12.27 19.39
C6 NAG J . 23.66 -13.00 18.57
C7 NAG J . 20.48 -11.96 24.28
C8 NAG J . 19.62 -11.14 25.21
N2 NAG J . 20.51 -11.55 23.01
O3 NAG J . 23.12 -10.42 22.62
O4 NAG J . 23.85 -10.28 19.80
O5 NAG J . 21.71 -13.24 19.93
O6 NAG J . 23.14 -14.15 17.96
O7 NAG J . 21.10 -12.93 24.69
C1 NAG K . 23.47 -9.48 1.22
C2 NAG K . 24.44 -10.46 0.58
C3 NAG K . 25.77 -10.49 1.31
C4 NAG K . 26.31 -9.08 1.53
C5 NAG K . 25.22 -8.09 1.97
C6 NAG K . 25.75 -6.66 1.86
C7 NAG K . 23.61 -12.41 -0.56
C8 NAG K . 24.15 -13.80 -0.69
N2 NAG K . 23.87 -11.79 0.58
O3 NAG K . 26.70 -11.24 0.56
O4 NAG K . 27.28 -9.14 2.55
O5 NAG K . 24.07 -8.20 1.17
O6 NAG K . 24.68 -5.82 1.52
O7 NAG K . 22.97 -11.88 -1.48
C1 NAG L . 1.69 -5.62 25.82
C2 NAG L . 0.66 -4.53 25.48
C3 NAG L . 1.34 -3.25 25.03
C4 NAG L . 2.42 -2.84 26.02
C5 NAG L . 3.34 -4.01 26.32
C6 NAG L . 4.35 -3.60 27.38
C7 NAG L . -1.22 -5.87 24.71
C8 NAG L . -1.73 -6.63 23.52
N2 NAG L . -0.25 -5.00 24.44
O3 NAG L . 0.37 -2.23 24.95
O4 NAG L . 3.15 -1.76 25.48
O5 NAG L . 2.61 -5.13 26.77
O6 NAG L . 5.37 -4.57 27.46
O7 NAG L . -1.69 -6.05 25.83
C1 NAG M . 12.14 -3.12 22.67
C2 NAG M . 12.01 -2.90 24.17
C3 NAG M . 13.15 -2.04 24.70
C4 NAG M . 14.49 -2.59 24.25
C5 NAG M . 14.53 -2.88 22.74
C6 NAG M . 15.80 -3.65 22.38
C7 NAG M . 9.82 -2.89 25.25
C8 NAG M . 8.38 -2.71 24.86
N2 NAG M . 10.73 -2.28 24.48
O3 NAG M . 13.10 -2.02 26.11
O4 NAG M . 15.50 -1.66 24.56
O5 NAG M . 13.42 -3.65 22.33
O6 NAG M . 15.64 -4.30 21.13
O7 NAG M . 10.13 -3.57 26.23
C1 NAG N . 8.05 -31.07 22.89
C2 NAG N . 6.98 -32.14 22.79
C3 NAG N . 7.54 -33.53 23.06
C4 NAG N . 8.65 -33.75 22.04
C5 NAG N . 9.74 -32.73 22.28
C6 NAG N . 10.87 -32.92 21.26
C7 NAG N . 4.65 -31.58 23.25
C8 NAG N . 3.70 -31.02 24.27
N2 NAG N . 5.87 -31.86 23.71
O3 NAG N . 6.53 -34.51 22.93
O4 NAG N . 9.17 -35.06 22.16
O5 NAG N . 9.25 -31.40 22.19
O6 NAG N . 11.96 -32.10 21.59
O7 NAG N . 4.30 -31.75 22.08
C1 NAG O . 15.71 0.44 10.12
C2 NAG O . 17.11 0.68 10.67
C3 NAG O . 17.10 0.98 12.16
C4 NAG O . 16.07 2.08 12.46
C5 NAG O . 14.73 1.64 11.90
C6 NAG O . 13.64 2.64 12.24
C7 NAG O . 19.18 -0.33 9.82
C8 NAG O . 20.17 -1.43 10.09
N2 NAG O . 17.98 -0.46 10.39
O3 NAG O . 18.38 1.40 12.58
O4 NAG O . 15.96 2.28 13.84
O5 NAG O . 14.84 1.49 10.50
O6 NAG O . 12.39 2.13 11.78
O7 NAG O . 19.50 0.63 9.11
N1 EPE P . -17.07 -35.85 9.33
C2 EPE P . -16.11 -35.36 10.31
C3 EPE P . -14.85 -35.04 9.53
N4 EPE P . -15.15 -34.50 8.20
C5 EPE P . -16.48 -34.01 7.85
C6 EPE P . -17.62 -34.73 8.56
C7 EPE P . -14.10 -34.46 7.22
C8 EPE P . -13.93 -33.07 6.62
O8 EPE P . -14.35 -33.04 5.28
C9 EPE P . -18.06 -36.77 9.88
C10 EPE P . -18.74 -36.14 11.08
S EPE P . -20.43 -36.76 11.24
O1S EPE P . -20.99 -36.92 9.90
O2S EPE P . -20.45 -38.04 11.92
O3S EPE P . -21.22 -35.77 11.98
C1 IPA Q . -8.78 -17.44 19.65
C2 IPA Q . -9.05 -18.02 21.04
C3 IPA Q . -8.18 -19.25 21.30
O2 IPA Q . -10.40 -18.40 21.14
NA NA R . -11.13 -37.24 30.96
NA NA S . -23.72 -23.45 27.20
N1 EPE T . 4.78 39.45 -33.94
C2 EPE T . 4.23 38.12 -34.24
C3 EPE T . 3.02 37.84 -33.33
N4 EPE T . 2.05 38.90 -33.45
C5 EPE T . 2.52 40.26 -33.43
C6 EPE T . 3.76 40.45 -34.30
C7 EPE T . 0.69 38.62 -33.00
C8 EPE T . -0.09 37.76 -33.99
O8 EPE T . -0.44 38.50 -35.13
C9 EPE T . 5.98 39.63 -34.77
C10 EPE T . 6.56 41.03 -34.57
S EPE T . 8.30 41.10 -35.07
O1S EPE T . 9.13 40.50 -34.03
O2S EPE T . 8.48 40.35 -36.31
O3S EPE T . 8.70 42.50 -35.26
NA NA U . -0.43 -5.98 -7.95
#